data_3MYL
#
_entry.id   3MYL
#
_cell.length_a   104.045
_cell.length_b   180.779
_cell.length_c   53.890
_cell.angle_alpha   90.00
_cell.angle_beta   90.00
_cell.angle_gamma   90.00
#
_symmetry.space_group_name_H-M   'P 21 21 2'
#
loop_
_entity.id
_entity.type
_entity.pdbx_description
1 polymer 'Myosin-2 heavy chain'
2 non-polymer 'MAGNESIUM ION'
3 non-polymer 'PYROPHOSPHATE 2-'
4 water water
#
_entity_poly.entity_id   1
_entity_poly.type   'polypeptide(L)'
_entity_poly.pdbx_seq_one_letter_code
;GNPIHDRTSDYHKYLKVKQGDSDLFKLTVSDKRYIWYNPDPKERDSYECGEIVSETSDSFTFKTVDGQDRQVKKDDANQR
NPIKFDGVEDMSELSYLNEPAVFHNLRVRYNQDLIYTYSGLFLVAVNPFKRIPIYTQEMVDIFKGRRRNEVAPHIFAISD
VAYRSMLDDRQNQSLLITGESGAGKTENTKKVIQYLASVAGRNQANGSGVLEQQILQANPILEAFGNAKTTRNNNASRFG
KFIEIQFNSAGFISGASIQSYLLEKSRVVFQSETERNYHIFYQLLAGATAEEKKALHLAGPESFNYLNQSGCVDIKGVSD
SEEFKITRQAMDIVGFSQEEQMSIFKIIAGILHLGNIKFEKGAGEGAVLKDKTALNAASTVFGVNPSVLEKALMEPRILA
GRDLVAQHLNVEKSSSSRDALVKALYGRLFLWLVKKINNVLCQERKAYFIGVLDISGFEIFKVNSFEQLCINYTNEKLQQ
FFNHHMFKLEQEEYLKEKINWTFIDFGLDSQATIDLIDGRQPPGILALLDEQSVFPNATDNTLITKLHSHFSKKNAKYEE
PRFSKTEFGVTHYAGQVMYEIQDWLEKNKDPLQQDLELCFKDSSDNVVTKLFNDPNIASRAKKGANFITVAAQYKEQLAS
LMATLETTNPHFVRCIIPNNKQLPAKLEDKVVLDQLRCNGVLEGIRITRKGFPNRIIYADFVKRYYLLAPNVPRDAEDSQ
KATDAVLKHLNIDPEQYRFGITKIFFRAGQLARIEEARELPN
;
_entity_poly.pdbx_strand_id   X
#
loop_
_chem_comp.id
_chem_comp.type
_chem_comp.name
_chem_comp.formula
MG non-polymer 'MAGNESIUM ION' 'Mg 2'
POP non-polymer 'PYROPHOSPHATE 2-' 'H2 O7 P2 -2'
#
# COMPACT_ATOMS: atom_id res chain seq x y z
N ASN A 2 16.09 -24.06 21.35
N ASN A 2 13.22 -23.26 20.51
CA ASN A 2 14.94 -23.21 20.89
CA ASN A 2 14.63 -23.08 20.96
C ASN A 2 15.35 -21.74 20.73
C ASN A 2 15.22 -21.67 20.74
N PRO A 3 15.41 -21.27 19.46
CA PRO A 3 15.92 -19.92 19.13
C PRO A 3 15.28 -18.79 19.90
N ILE A 4 14.03 -18.94 20.33
CA ILE A 4 13.38 -17.85 21.12
C ILE A 4 14.02 -17.66 22.52
N HIS A 5 14.73 -18.69 22.98
CA HIS A 5 15.28 -18.69 24.34
C HIS A 5 16.80 -18.73 24.29
N ASP A 6 17.36 -19.07 23.13
CA ASP A 6 18.80 -18.98 22.92
C ASP A 6 19.26 -17.56 22.49
N ARG A 7 19.79 -16.78 23.43
CA ARG A 7 20.23 -15.39 23.15
C ARG A 7 21.39 -15.26 22.17
N THR A 8 21.97 -16.39 21.73
CA THR A 8 22.99 -16.32 20.66
C THR A 8 22.39 -16.54 19.29
N SER A 9 21.09 -16.87 19.22
CA SER A 9 20.50 -17.18 17.91
C SER A 9 20.42 -15.95 16.98
N ASP A 10 20.25 -16.17 15.68
CA ASP A 10 19.93 -15.10 14.73
C ASP A 10 18.59 -14.40 15.10
N TYR A 11 17.63 -15.14 15.64
CA TYR A 11 16.35 -14.58 16.08
C TYR A 11 16.67 -13.45 17.05
N HIS A 12 17.51 -13.71 18.06
CA HIS A 12 17.70 -12.70 19.09
C HIS A 12 18.48 -11.51 18.47
N LYS A 13 19.45 -11.86 17.65
CA LYS A 13 20.35 -10.84 17.10
C LYS A 13 19.56 -9.93 16.16
N TYR A 14 18.71 -10.49 15.32
CA TYR A 14 18.02 -9.67 14.33
C TYR A 14 16.63 -9.13 14.63
N LEU A 15 16.00 -9.63 15.68
CA LEU A 15 14.59 -9.28 15.90
C LEU A 15 14.33 -8.78 17.32
N LYS A 16 15.35 -8.85 18.18
CA LYS A 16 15.11 -8.44 19.57
C LYS A 16 16.08 -7.37 19.97
N VAL A 17 15.70 -6.53 20.95
CA VAL A 17 16.68 -5.66 21.61
C VAL A 17 17.58 -6.57 22.44
N LYS A 18 18.92 -6.44 22.37
CA LYS A 18 19.77 -7.44 22.99
C LYS A 18 19.55 -7.36 24.52
N GLN A 19 19.39 -8.53 25.17
CA GLN A 19 19.19 -8.55 26.64
C GLN A 19 20.51 -8.85 27.29
N GLY A 20 20.80 -8.05 28.31
CA GLY A 20 22.00 -8.27 29.12
C GLY A 20 21.81 -9.28 30.25
N ASP A 21 22.84 -9.46 31.04
CA ASP A 21 22.76 -10.35 32.21
C ASP A 21 21.61 -10.02 33.16
N SER A 22 21.24 -8.76 33.28
CA SER A 22 20.21 -8.38 34.29
C SER A 22 19.16 -7.41 33.74
N ASP A 23 17.88 -7.52 34.16
CA ASP A 23 16.81 -6.52 33.81
C ASP A 23 16.22 -5.79 35.05
N LEU A 24 16.95 -5.82 36.14
CA LEU A 24 16.48 -5.23 37.39
C LEU A 24 16.20 -3.74 37.29
N PHE A 25 15.07 -3.34 37.87
CA PHE A 25 14.63 -1.94 38.02
C PHE A 25 15.79 -0.99 38.34
N LYS A 26 16.60 -1.34 39.35
CA LYS A 26 17.70 -0.46 39.73
C LYS A 26 18.68 -0.03 38.58
N LEU A 27 18.89 -0.89 37.58
CA LEU A 27 19.86 -0.60 36.50
C LEU A 27 19.55 0.71 35.73
N THR A 28 18.28 1.05 35.70
CA THR A 28 17.79 2.06 34.82
C THR A 28 17.36 3.31 35.64
N VAL A 29 17.63 3.26 36.95
CA VAL A 29 17.38 4.43 37.76
C VAL A 29 18.18 5.70 37.30
N SER A 30 17.53 6.86 37.28
CA SER A 30 18.19 8.14 36.90
C SER A 30 17.35 9.25 37.48
N ASP A 31 18.01 10.32 37.92
CA ASP A 31 17.20 11.47 38.35
C ASP A 31 17.01 12.49 37.23
N LYS A 32 17.40 12.19 35.98
CA LYS A 32 17.19 13.17 34.88
C LYS A 32 15.81 13.01 34.24
N ARG A 33 15.16 14.14 33.97
CA ARG A 33 13.86 14.10 33.28
C ARG A 33 14.04 14.93 32.06
N TYR A 34 13.48 14.47 30.94
CA TYR A 34 13.71 15.16 29.65
C TYR A 34 12.41 15.50 29.01
N ILE A 35 12.49 16.43 28.03
CA ILE A 35 11.35 16.82 27.19
C ILE A 35 11.80 16.73 25.69
N TRP A 36 10.86 16.43 24.77
CA TRP A 36 11.10 16.56 23.38
C TRP A 36 10.63 17.97 22.99
N TYR A 37 11.50 18.74 22.35
CA TYR A 37 11.09 20.12 21.89
C TYR A 37 11.59 20.37 20.46
N ASN A 38 10.89 21.26 19.76
CA ASN A 38 11.30 21.77 18.43
C ASN A 38 12.36 22.87 18.50
N PRO A 39 13.60 22.62 18.04
CA PRO A 39 14.55 23.75 17.99
C PRO A 39 14.02 24.90 17.15
N ASP A 40 13.34 24.59 16.06
CA ASP A 40 12.66 25.58 15.27
C ASP A 40 11.15 25.35 15.17
N PRO A 41 10.37 26.23 15.79
CA PRO A 41 8.93 26.07 15.81
C PRO A 41 8.24 26.03 14.45
N LYS A 42 8.90 26.41 13.36
CA LYS A 42 8.25 26.25 12.03
C LYS A 42 8.32 24.81 11.52
N GLU A 43 9.31 24.08 12.02
CA GLU A 43 9.47 22.62 11.86
C GLU A 43 8.82 21.76 12.95
N ARG A 44 7.50 21.57 12.88
CA ARG A 44 6.67 20.89 13.85
C ARG A 44 7.17 19.46 14.11
N ASP A 45 7.77 18.83 13.11
CA ASP A 45 8.18 17.47 13.42
C ASP A 45 9.65 17.17 13.32
N SER A 46 10.48 18.13 13.76
CA SER A 46 11.87 17.91 14.03
C SER A 46 12.15 18.29 15.52
N TYR A 47 12.60 17.32 16.31
CA TYR A 47 12.69 17.49 17.76
C TYR A 47 14.09 17.29 18.19
N GLU A 48 14.44 17.81 19.36
CA GLU A 48 15.66 17.47 20.08
C GLU A 48 15.27 17.22 21.56
N CYS A 49 16.17 16.69 22.34
CA CYS A 49 15.88 16.27 23.70
C CYS A 49 16.39 17.32 24.68
N GLY A 50 15.49 17.84 25.52
CA GLY A 50 15.88 18.85 26.52
C GLY A 50 15.82 18.39 27.95
N GLU A 51 16.81 18.73 28.76
CA GLU A 51 16.80 18.24 30.13
C GLU A 51 15.97 19.26 30.98
N ILE A 52 14.96 18.79 31.72
CA ILE A 52 14.17 19.72 32.54
C ILE A 52 15.07 20.06 33.71
N VAL A 53 15.13 21.35 33.98
CA VAL A 53 16.04 21.90 35.00
C VAL A 53 15.24 22.43 36.21
N SER A 54 14.00 22.82 35.99
CA SER A 54 13.12 23.13 37.14
C SER A 54 11.71 23.26 36.61
N GLU A 55 10.74 23.43 37.52
CA GLU A 55 9.35 23.60 37.14
C GLU A 55 8.63 24.62 38.04
N THR A 56 7.52 25.12 37.53
CA THR A 56 6.60 25.92 38.35
C THR A 56 5.34 25.08 38.37
N SER A 57 4.26 25.67 38.85
CA SER A 57 2.97 25.04 38.92
C SER A 57 2.45 24.59 37.54
N ASP A 58 2.67 25.39 36.52
CA ASP A 58 2.14 25.01 35.21
C ASP A 58 3.17 24.92 34.06
N SER A 59 4.43 25.26 34.32
CA SER A 59 5.51 25.14 33.34
C SER A 59 6.69 24.30 33.77
N PHE A 60 7.42 23.81 32.76
CA PHE A 60 8.78 23.33 32.95
C PHE A 60 9.79 24.38 32.42
N THR A 61 10.97 24.47 33.05
CA THR A 61 12.07 25.16 32.41
C THR A 61 13.10 24.10 31.98
N PHE A 62 13.56 24.17 30.73
CA PHE A 62 14.59 23.16 30.33
C PHE A 62 15.80 23.78 29.64
N LYS A 63 16.90 23.03 29.60
CA LYS A 63 18.11 23.38 28.86
C LYS A 63 18.06 22.73 27.44
N THR A 64 18.11 23.54 26.39
CA THR A 64 18.20 22.96 25.05
C THR A 64 19.61 22.37 24.85
N VAL A 65 19.83 21.77 23.68
CA VAL A 65 21.13 21.08 23.46
C VAL A 65 22.36 21.98 23.40
N ASP A 66 22.19 23.24 23.04
CA ASP A 66 23.38 24.09 23.09
C ASP A 66 23.24 25.13 24.17
N GLY A 67 22.68 24.67 25.30
CA GLY A 67 22.73 25.38 26.56
C GLY A 67 21.69 26.48 26.85
N GLN A 68 20.75 26.74 25.95
CA GLN A 68 19.81 27.83 26.20
C GLN A 68 18.50 27.46 26.93
N ASP A 69 18.08 28.35 27.85
CA ASP A 69 16.90 28.15 28.69
C ASP A 69 15.65 28.45 27.92
N ARG A 70 14.76 27.47 27.87
CA ARG A 70 13.46 27.73 27.32
C ARG A 70 12.47 27.30 28.37
N GLN A 71 11.22 27.63 28.16
CA GLN A 71 10.22 27.14 29.07
C GLN A 71 9.02 26.74 28.26
N VAL A 72 8.19 25.86 28.83
CA VAL A 72 7.04 25.33 28.15
C VAL A 72 5.94 25.02 29.16
N LYS A 73 4.69 25.24 28.78
CA LYS A 73 3.58 24.88 29.66
C LYS A 73 3.52 23.37 29.75
N LYS A 74 3.30 22.89 30.98
CA LYS A 74 3.12 21.46 31.28
C LYS A 74 2.12 20.89 30.35
N ASP A 75 0.98 21.55 30.20
CA ASP A 75 -0.03 21.10 29.24
C ASP A 75 0.45 21.01 27.77
N ASP A 76 1.50 21.72 27.39
CA ASP A 76 1.95 21.66 25.99
C ASP A 76 3.23 20.78 25.85
N ALA A 77 3.72 20.22 26.94
CA ALA A 77 5.00 19.60 26.92
C ALA A 77 4.93 18.18 26.33
N ASN A 78 5.99 17.78 25.62
CA ASN A 78 6.13 16.35 25.17
C ASN A 78 7.19 15.67 26.06
N GLN A 79 6.77 15.09 27.18
CA GLN A 79 7.75 14.47 28.03
C GLN A 79 8.32 13.21 27.37
N ARG A 80 9.57 12.97 27.70
CA ARG A 80 10.27 11.85 27.16
C ARG A 80 10.07 10.69 28.12
N ASN A 81 9.71 9.53 27.56
CA ASN A 81 9.62 8.30 28.33
C ASN A 81 10.94 7.96 29.02
N PRO A 82 10.87 7.41 30.23
CA PRO A 82 12.07 6.88 30.90
C PRO A 82 12.72 5.78 30.09
N ILE A 83 14.02 5.60 30.30
CA ILE A 83 14.85 4.79 29.40
C ILE A 83 14.38 3.33 29.25
N LYS A 84 13.69 2.80 30.25
CA LYS A 84 13.26 1.40 30.16
C LYS A 84 12.29 1.23 28.96
N PHE A 85 11.60 2.30 28.56
CA PHE A 85 10.63 2.25 27.47
C PHE A 85 11.28 2.32 26.10
N ASP A 86 12.59 2.54 26.04
CA ASP A 86 13.26 2.71 24.70
C ASP A 86 13.43 1.39 24.02
N GLY A 87 12.69 1.15 22.91
CA GLY A 87 12.80 -0.13 22.24
C GLY A 87 11.63 -1.05 22.39
N VAL A 88 10.63 -0.64 23.18
CA VAL A 88 9.48 -1.57 23.47
C VAL A 88 8.85 -2.04 22.12
N GLU A 89 8.26 -3.27 22.10
CA GLU A 89 7.77 -3.90 20.84
C GLU A 89 6.40 -3.37 20.38
N ASP A 90 5.73 -2.61 21.24
CA ASP A 90 4.40 -2.05 20.92
C ASP A 90 4.34 -0.64 21.46
N MET A 91 3.96 0.32 20.60
CA MET A 91 3.92 1.70 21.04
C MET A 91 2.89 1.86 22.14
N SER A 92 1.92 0.93 22.21
CA SER A 92 0.89 0.99 23.25
C SER A 92 1.51 0.75 24.65
N GLU A 93 2.79 0.36 24.69
CA GLU A 93 3.44 0.19 25.98
C GLU A 93 4.08 1.47 26.50
N LEU A 94 4.10 2.53 25.68
CA LEU A 94 4.72 3.77 26.10
C LEU A 94 3.79 4.47 27.05
N SER A 95 4.33 5.12 28.09
CA SER A 95 3.49 5.90 29.03
C SER A 95 3.22 7.34 28.55
N TYR A 96 4.26 8.01 28.06
CA TYR A 96 4.05 9.29 27.32
C TYR A 96 3.85 8.98 25.83
N LEU A 97 2.68 9.33 25.29
CA LEU A 97 2.30 8.95 23.91
C LEU A 97 2.27 10.07 22.84
N ASN A 98 2.97 11.12 23.11
CA ASN A 98 3.09 12.25 22.19
C ASN A 98 3.88 11.88 20.94
N GLU A 99 3.74 12.69 19.91
CA GLU A 99 4.36 12.36 18.60
C GLU A 99 5.91 12.10 18.64
N PRO A 100 6.69 12.99 19.26
CA PRO A 100 8.16 12.77 19.21
C PRO A 100 8.52 11.53 20.02
N ALA A 101 7.75 11.22 21.09
CA ALA A 101 7.99 9.98 21.88
C ALA A 101 7.70 8.73 20.98
N VAL A 102 6.67 8.81 20.13
CA VAL A 102 6.39 7.70 19.22
C VAL A 102 7.52 7.59 18.19
N PHE A 103 7.93 8.71 17.59
CA PHE A 103 9.03 8.66 16.64
C PHE A 103 10.32 8.14 17.29
N HIS A 104 10.57 8.58 18.51
CA HIS A 104 11.79 8.13 19.19
C HIS A 104 11.80 6.63 19.35
N ASN A 105 10.70 6.01 19.80
CA ASN A 105 10.74 4.57 19.95
C ASN A 105 10.94 3.82 18.61
N LEU A 106 10.28 4.27 17.55
CA LEU A 106 10.60 3.75 16.23
C LEU A 106 12.07 3.84 15.84
N ARG A 107 12.66 5.00 16.09
CA ARG A 107 14.04 5.27 15.70
CA ARG A 107 14.04 5.33 15.77
C ARG A 107 15.02 4.43 16.53
N VAL A 108 14.78 4.32 17.85
CA VAL A 108 15.60 3.45 18.69
C VAL A 108 15.65 2.04 18.09
N ARG A 109 14.47 1.56 17.69
CA ARG A 109 14.37 0.22 17.14
C ARG A 109 15.05 0.17 15.78
N TYR A 110 14.77 1.15 14.92
CA TYR A 110 15.40 1.21 13.60
C TYR A 110 16.95 1.30 13.67
N ASN A 111 17.47 1.95 14.69
CA ASN A 111 18.93 2.03 14.93
C ASN A 111 19.51 0.62 15.19
N GLN A 112 18.70 -0.33 15.65
CA GLN A 112 19.15 -1.70 15.92
C GLN A 112 18.66 -2.64 14.83
N ASP A 113 18.21 -2.05 13.74
CA ASP A 113 17.71 -2.77 12.52
C ASP A 113 16.45 -3.55 12.85
N LEU A 114 15.68 -3.07 13.85
CA LEU A 114 14.42 -3.69 14.23
C LEU A 114 13.37 -2.87 13.48
N ILE A 115 12.97 -3.42 12.36
CA ILE A 115 12.14 -2.67 11.41
C ILE A 115 10.63 -2.89 11.66
N TYR A 116 10.28 -3.88 12.49
CA TYR A 116 8.88 -4.13 12.80
C TYR A 116 8.57 -3.73 14.19
N THR A 117 7.46 -3.00 14.38
CA THR A 117 7.04 -2.55 15.73
C THR A 117 5.50 -2.44 15.71
N TYR A 118 4.83 -2.95 16.72
CA TYR A 118 3.36 -2.81 16.78
C TYR A 118 3.00 -1.43 17.25
N SER A 119 1.79 -0.95 16.84
CA SER A 119 1.19 0.18 17.51
C SER A 119 -0.28 -0.15 17.69
N GLY A 120 -0.59 -0.72 18.87
CA GLY A 120 -1.96 -1.19 19.14
C GLY A 120 -2.24 -2.27 18.10
N LEU A 121 -3.30 -2.04 17.30
CA LEU A 121 -3.69 -2.98 16.27
C LEU A 121 -2.71 -2.98 15.09
N PHE A 122 -1.97 -1.88 14.84
CA PHE A 122 -1.13 -1.89 13.61
C PHE A 122 0.17 -2.67 13.82
N LEU A 123 0.69 -3.29 12.74
CA LEU A 123 2.12 -3.62 12.64
C LEU A 123 2.72 -2.49 11.77
N VAL A 124 3.70 -1.73 12.32
CA VAL A 124 4.43 -0.74 11.58
C VAL A 124 5.73 -1.40 11.05
N ALA A 125 5.95 -1.31 9.75
CA ALA A 125 7.07 -1.97 9.10
C ALA A 125 7.87 -0.85 8.40
N VAL A 126 9.13 -0.63 8.81
CA VAL A 126 9.89 0.46 8.19
C VAL A 126 10.92 -0.15 7.26
N ASN A 127 10.96 0.24 5.97
CA ASN A 127 11.87 -0.39 5.04
C ASN A 127 13.34 -0.08 5.52
N PRO A 128 14.17 -1.14 5.73
CA PRO A 128 15.62 -0.96 6.11
C PRO A 128 16.48 -0.53 4.91
N PHE A 129 15.96 -0.66 3.67
CA PHE A 129 16.74 -0.50 2.42
C PHE A 129 18.07 -1.25 2.44
N LYS A 130 18.04 -2.50 2.91
CA LYS A 130 19.19 -3.42 2.85
C LYS A 130 18.56 -4.76 3.23
N ARG A 131 19.30 -5.83 3.06
CA ARG A 131 18.80 -7.19 3.33
C ARG A 131 19.07 -7.53 4.76
N ILE A 132 18.03 -8.00 5.46
CA ILE A 132 18.19 -8.51 6.80
C ILE A 132 17.65 -9.96 6.76
N PRO A 133 18.43 -10.93 7.27
CA PRO A 133 18.10 -12.34 7.08
C PRO A 133 17.08 -12.86 8.06
N ILE A 134 15.90 -12.24 8.10
CA ILE A 134 14.87 -12.70 9.00
C ILE A 134 13.65 -13.45 8.31
N TYR A 135 13.85 -13.94 7.11
CA TYR A 135 12.76 -14.52 6.33
C TYR A 135 13.11 -15.93 5.81
N THR A 136 14.10 -16.58 6.47
CA THR A 136 14.49 -17.93 6.12
C THR A 136 13.46 -18.92 6.60
N GLN A 137 13.58 -20.17 6.12
CA GLN A 137 12.73 -21.25 6.64
C GLN A 137 12.90 -21.39 8.11
N GLU A 138 14.14 -21.21 8.59
CA GLU A 138 14.32 -21.34 10.03
C GLU A 138 13.50 -20.28 10.79
N MET A 139 13.47 -19.07 10.23
CA MET A 139 12.71 -17.95 10.84
C MET A 139 11.22 -18.23 10.75
N VAL A 140 10.74 -18.72 9.60
CA VAL A 140 9.35 -19.19 9.51
C VAL A 140 8.98 -20.13 10.65
N ASP A 141 9.81 -21.14 10.89
CA ASP A 141 9.51 -22.16 11.89
C ASP A 141 9.41 -21.64 13.28
N ILE A 142 10.16 -20.58 13.64
CA ILE A 142 10.00 -19.98 14.97
C ILE A 142 8.64 -19.39 15.23
N PHE A 143 8.04 -18.80 14.20
CA PHE A 143 6.76 -18.12 14.41
C PHE A 143 5.57 -19.07 14.47
N LYS A 144 5.77 -20.31 14.02
CA LYS A 144 4.62 -21.26 13.99
C LYS A 144 3.93 -21.42 15.30
N GLY A 145 2.65 -21.09 15.35
CA GLY A 145 1.88 -21.34 16.55
C GLY A 145 2.04 -20.35 17.67
N ARG A 146 2.90 -19.32 17.50
CA ARG A 146 3.20 -18.37 18.62
C ARG A 146 2.28 -17.17 18.64
N ARG A 147 1.71 -16.89 19.80
CA ARG A 147 0.94 -15.68 20.02
C ARG A 147 1.78 -14.39 19.81
N ARG A 148 1.09 -13.32 19.47
CA ARG A 148 1.75 -12.05 19.26
C ARG A 148 2.66 -11.68 20.43
N ASN A 149 2.24 -11.97 21.65
CA ASN A 149 3.04 -11.53 22.79
C ASN A 149 4.13 -12.54 23.18
N GLU A 150 4.32 -13.63 22.43
CA GLU A 150 5.40 -14.58 22.75
C GLU A 150 6.61 -14.43 21.85
N VAL A 151 6.45 -13.73 20.74
CA VAL A 151 7.53 -13.60 19.79
C VAL A 151 7.64 -12.11 19.41
N ALA A 152 8.74 -11.75 18.78
CA ALA A 152 9.04 -10.34 18.43
C ALA A 152 8.10 -9.90 17.32
N PRO A 153 7.97 -8.56 17.07
CA PRO A 153 7.18 -8.12 15.91
C PRO A 153 7.76 -8.62 14.61
N HIS A 154 6.92 -9.05 13.68
CA HIS A 154 7.38 -9.58 12.39
C HIS A 154 6.11 -9.75 11.55
N ILE A 155 6.22 -9.62 10.23
CA ILE A 155 5.11 -9.93 9.29
C ILE A 155 4.72 -11.41 9.43
N PHE A 156 5.69 -12.29 9.79
CA PHE A 156 5.30 -13.70 10.03
C PHE A 156 4.36 -13.86 11.25
N ALA A 157 4.48 -12.99 12.24
CA ALA A 157 3.73 -13.24 13.44
C ALA A 157 2.27 -12.81 13.20
N ILE A 158 2.06 -11.71 12.48
CA ILE A 158 0.69 -11.31 12.17
C ILE A 158 0.03 -12.36 11.21
N SER A 159 0.83 -12.90 10.27
CA SER A 159 0.42 -14.00 9.40
C SER A 159 0.00 -15.26 10.26
N ASP A 160 0.77 -15.56 11.31
CA ASP A 160 0.38 -16.74 12.12
C ASP A 160 -0.87 -16.45 12.93
N VAL A 161 -0.98 -15.24 13.53
CA VAL A 161 -2.17 -14.88 14.35
C VAL A 161 -3.46 -14.96 13.45
N ALA A 162 -3.35 -14.48 12.22
CA ALA A 162 -4.46 -14.56 11.27
C ALA A 162 -4.81 -16.01 10.93
N TYR A 163 -3.81 -16.78 10.58
CA TYR A 163 -4.02 -18.26 10.32
C TYR A 163 -4.68 -19.01 11.52
N ARG A 164 -4.16 -18.84 12.74
CA ARG A 164 -4.80 -19.44 13.91
C ARG A 164 -6.19 -18.90 14.15
N SER A 165 -6.41 -17.61 13.93
CA SER A 165 -7.77 -17.05 14.13
C SER A 165 -8.70 -17.67 13.11
N MET A 166 -8.23 -17.88 11.89
CA MET A 166 -9.05 -18.49 10.87
C MET A 166 -9.48 -19.92 11.39
N LEU A 167 -8.50 -20.71 11.85
CA LEU A 167 -8.72 -22.08 12.30
C LEU A 167 -9.55 -22.13 13.59
N ASP A 168 -9.35 -21.18 14.50
CA ASP A 168 -10.03 -21.24 15.77
C ASP A 168 -11.45 -20.64 15.72
N ASP A 169 -11.62 -19.51 15.03
CA ASP A 169 -12.91 -18.77 15.07
C ASP A 169 -13.74 -19.24 13.88
N ARG A 170 -13.09 -19.92 12.92
CA ARG A 170 -13.75 -20.33 11.68
C ARG A 170 -14.25 -19.07 10.93
N GLN A 171 -13.30 -18.15 10.68
CA GLN A 171 -13.69 -16.77 10.14
C GLN A 171 -12.62 -16.42 9.15
N ASN A 172 -13.03 -15.92 8.02
CA ASN A 172 -12.06 -15.49 7.03
C ASN A 172 -11.27 -14.27 7.57
N GLN A 173 -10.07 -14.04 7.05
CA GLN A 173 -9.22 -13.06 7.61
C GLN A 173 -8.77 -12.16 6.45
N SER A 174 -8.31 -10.95 6.78
CA SER A 174 -7.65 -10.09 5.72
C SER A 174 -6.43 -9.38 6.31
N LEU A 175 -5.39 -9.14 5.49
CA LEU A 175 -4.20 -8.41 5.92
C LEU A 175 -4.15 -7.24 4.91
N LEU A 176 -4.26 -6.02 5.40
CA LEU A 176 -4.24 -4.83 4.56
C LEU A 176 -2.86 -4.20 4.72
N ILE A 177 -2.11 -4.23 3.65
CA ILE A 177 -0.75 -3.80 3.67
C ILE A 177 -0.67 -2.57 2.72
N THR A 178 -0.54 -1.40 3.34
CA THR A 178 -0.52 -0.12 2.58
C THR A 178 0.59 0.80 2.99
N GLY A 179 0.75 1.88 2.24
CA GLY A 179 1.85 2.81 2.50
C GLY A 179 2.42 3.34 1.18
N GLU A 180 3.37 4.29 1.27
CA GLU A 180 3.98 5.00 0.08
C GLU A 180 4.75 4.06 -0.86
N SER A 181 5.02 4.50 -2.09
CA SER A 181 5.84 3.76 -3.02
C SER A 181 7.30 3.56 -2.46
N GLY A 182 7.78 2.30 -2.49
CA GLY A 182 9.14 1.98 -1.91
C GLY A 182 9.10 1.58 -0.43
N ALA A 183 7.92 1.65 0.20
CA ALA A 183 7.79 1.35 1.63
C ALA A 183 7.98 -0.15 1.95
N GLY A 184 7.85 -1.04 0.97
CA GLY A 184 8.02 -2.49 1.22
C GLY A 184 6.77 -3.33 1.21
N LYS A 185 5.66 -2.81 0.73
CA LYS A 185 4.39 -3.59 0.74
C LYS A 185 4.41 -4.86 -0.04
N THR A 186 4.94 -4.80 -1.28
CA THR A 186 4.97 -6.01 -2.08
C THR A 186 5.89 -7.11 -1.46
N GLU A 187 7.03 -6.68 -0.96
CA GLU A 187 7.89 -7.68 -0.34
C GLU A 187 7.20 -8.29 0.87
N ASN A 188 6.55 -7.48 1.73
CA ASN A 188 5.84 -8.04 2.85
C ASN A 188 4.68 -8.94 2.46
N THR A 189 3.99 -8.56 1.42
CA THR A 189 2.94 -9.41 0.81
C THR A 189 3.52 -10.76 0.38
N LYS A 190 4.67 -10.76 -0.27
CA LYS A 190 5.34 -12.03 -0.63
C LYS A 190 5.72 -12.87 0.56
N LYS A 191 6.10 -12.21 1.67
CA LYS A 191 6.44 -12.95 2.92
C LYS A 191 5.20 -13.56 3.58
N VAL A 192 4.09 -12.85 3.57
CA VAL A 192 2.87 -13.47 4.05
C VAL A 192 2.53 -14.74 3.26
N ILE A 193 2.58 -14.67 1.91
CA ILE A 193 2.34 -15.86 1.06
C ILE A 193 3.37 -16.98 1.28
N GLN A 194 4.65 -16.61 1.39
CA GLN A 194 5.70 -17.59 1.78
C GLN A 194 5.33 -18.27 3.07
N TYR A 195 4.91 -17.51 4.06
CA TYR A 195 4.65 -18.06 5.38
C TYR A 195 3.46 -19.03 5.34
N LEU A 196 2.33 -18.58 4.80
CA LEU A 196 1.16 -19.44 4.72
C LEU A 196 1.41 -20.74 3.91
N ALA A 197 2.13 -20.64 2.82
CA ALA A 197 2.48 -21.83 1.97
C ALA A 197 3.25 -22.84 2.76
N SER A 198 4.06 -22.36 3.70
CA SER A 198 4.82 -23.23 4.56
C SER A 198 4.01 -23.78 5.74
N VAL A 199 3.32 -22.93 6.50
CA VAL A 199 2.55 -23.49 7.57
C VAL A 199 1.33 -24.30 7.08
N ALA A 200 0.81 -24.03 5.91
CA ALA A 200 -0.46 -24.62 5.54
C ALA A 200 -0.40 -25.41 4.27
N GLY A 201 0.79 -25.50 3.69
CA GLY A 201 0.94 -26.17 2.40
C GLY A 201 1.17 -27.69 2.50
N ARG A 202 1.08 -28.34 1.34
CA ARG A 202 1.67 -29.71 0.93
C ARG A 202 0.61 -30.80 0.87
N GLY A 209 4.22 -28.90 -2.65
CA GLY A 209 3.17 -29.34 -3.58
C GLY A 209 3.19 -28.51 -4.84
N VAL A 210 2.53 -29.01 -5.87
CA VAL A 210 2.51 -28.29 -7.09
C VAL A 210 1.60 -27.06 -7.01
N LEU A 211 0.49 -27.15 -6.28
CA LEU A 211 -0.38 -25.98 -6.12
C LEU A 211 0.37 -24.82 -5.37
N GLU A 212 1.06 -25.16 -4.28
CA GLU A 212 1.80 -24.11 -3.59
C GLU A 212 2.76 -23.42 -4.54
N GLN A 213 3.46 -24.24 -5.35
CA GLN A 213 4.46 -23.70 -6.30
C GLN A 213 3.81 -22.77 -7.31
N GLN A 214 2.63 -23.15 -7.78
CA GLN A 214 1.89 -22.32 -8.72
C GLN A 214 1.46 -20.99 -8.08
N ILE A 215 0.99 -21.07 -6.85
CA ILE A 215 0.59 -19.83 -6.13
C ILE A 215 1.83 -18.94 -6.01
N LEU A 216 2.98 -19.53 -5.63
CA LEU A 216 4.20 -18.71 -5.47
C LEU A 216 4.66 -18.14 -6.81
N GLN A 217 4.40 -18.83 -7.93
CA GLN A 217 4.91 -18.38 -9.23
C GLN A 217 3.96 -17.38 -9.90
N ALA A 218 2.73 -17.25 -9.42
CA ALA A 218 1.81 -16.23 -9.95
C ALA A 218 2.50 -14.83 -9.91
N ASN A 219 3.29 -14.62 -8.87
CA ASN A 219 3.83 -13.33 -8.63
C ASN A 219 4.84 -12.77 -9.58
N PRO A 220 5.89 -13.55 -9.98
CA PRO A 220 6.76 -13.02 -10.96
C PRO A 220 6.09 -12.75 -12.26
N ILE A 221 5.01 -13.47 -12.57
CA ILE A 221 4.37 -13.18 -13.84
C ILE A 221 3.76 -11.78 -13.79
N LEU A 222 2.97 -11.51 -12.75
CA LEU A 222 2.26 -10.22 -12.69
C LEU A 222 3.26 -9.08 -12.49
N GLU A 223 4.36 -9.31 -11.76
CA GLU A 223 5.43 -8.25 -11.65
C GLU A 223 6.15 -7.89 -12.97
N ALA A 224 6.39 -8.89 -13.81
CA ALA A 224 6.97 -8.63 -15.14
C ALA A 224 6.10 -7.72 -15.94
N PHE A 225 4.78 -7.95 -15.86
CA PHE A 225 3.81 -7.17 -16.64
C PHE A 225 3.27 -5.89 -15.97
N GLY A 226 3.32 -5.85 -14.64
CA GLY A 226 2.69 -4.73 -13.87
C GLY A 226 3.61 -3.91 -12.99
N ASN A 227 4.92 -4.22 -12.97
CA ASN A 227 5.86 -3.41 -12.23
C ASN A 227 6.89 -2.74 -13.18
N ALA A 228 7.53 -1.67 -12.74
CA ALA A 228 8.39 -0.85 -13.58
C ALA A 228 9.31 -0.12 -12.64
N LYS A 229 10.48 0.26 -13.18
CA LYS A 229 11.37 1.18 -12.46
C LYS A 229 10.82 2.63 -12.51
N THR A 230 10.61 3.24 -11.34
CA THR A 230 10.24 4.61 -11.24
C THR A 230 11.38 5.29 -10.47
N THR A 231 11.27 6.59 -10.32
CA THR A 231 12.27 7.30 -9.54
C THR A 231 12.15 6.98 -8.05
N ARG A 232 11.03 6.43 -7.58
CA ARG A 232 10.91 6.09 -6.11
C ARG A 232 11.15 4.59 -5.81
N ASN A 233 11.15 3.74 -6.83
CA ASN A 233 11.25 2.31 -6.62
C ASN A 233 11.68 1.66 -7.90
N ASN A 234 12.76 0.90 -7.83
CA ASN A 234 13.27 0.15 -8.96
C ASN A 234 12.34 -0.97 -9.39
N ASN A 235 11.49 -1.38 -8.44
CA ASN A 235 10.54 -2.46 -8.71
C ASN A 235 9.09 -2.02 -8.24
N ALA A 236 8.64 -0.88 -8.78
CA ALA A 236 7.37 -0.30 -8.36
C ALA A 236 6.21 -1.11 -8.91
N SER A 237 5.25 -1.41 -8.05
CA SER A 237 3.95 -1.98 -8.51
C SER A 237 3.09 -0.89 -9.13
N ARG A 238 2.73 -1.01 -10.44
CA ARG A 238 1.86 0.04 -11.00
C ARG A 238 0.42 -0.47 -11.18
N PHE A 239 0.03 -1.42 -10.33
CA PHE A 239 -1.34 -1.90 -10.20
C PHE A 239 -1.49 -2.25 -8.73
N GLY A 240 -2.72 -2.13 -8.22
CA GLY A 240 -3.02 -2.65 -6.88
C GLY A 240 -3.53 -4.07 -6.96
N LYS A 241 -3.40 -4.83 -5.86
CA LYS A 241 -3.94 -6.18 -5.90
C LYS A 241 -4.53 -6.63 -4.60
N PHE A 242 -5.51 -7.53 -4.71
CA PHE A 242 -6.07 -8.26 -3.55
C PHE A 242 -5.99 -9.77 -3.81
N ILE A 243 -5.16 -10.44 -3.02
CA ILE A 243 -4.92 -11.87 -3.23
C ILE A 243 -5.68 -12.65 -2.16
N GLU A 244 -6.51 -13.56 -2.59
CA GLU A 244 -7.18 -14.42 -1.66
C GLU A 244 -6.42 -15.77 -1.63
N ILE A 245 -5.82 -16.12 -0.50
CA ILE A 245 -5.21 -17.43 -0.35
C ILE A 245 -6.31 -18.33 0.26
N GLN A 246 -6.70 -19.39 -0.46
CA GLN A 246 -7.90 -20.23 -0.04
C GLN A 246 -7.49 -21.49 0.67
N PHE A 247 -8.31 -21.86 1.65
CA PHE A 247 -8.06 -23.01 2.51
C PHE A 247 -9.23 -23.96 2.56
N ASN A 248 -8.92 -25.27 2.70
CA ASN A 248 -10.01 -26.19 3.04
C ASN A 248 -10.28 -26.15 4.52
N SER A 249 -11.28 -26.90 4.95
CA SER A 249 -11.65 -26.75 6.35
C SER A 249 -10.68 -27.45 7.28
N ALA A 250 -9.80 -28.25 6.75
CA ALA A 250 -8.75 -28.77 7.63
C ALA A 250 -7.60 -27.76 7.78
N GLY A 251 -7.72 -26.62 7.12
CA GLY A 251 -6.65 -25.57 7.21
C GLY A 251 -5.48 -25.70 6.23
N PHE A 252 -5.57 -26.56 5.22
CA PHE A 252 -4.54 -26.64 4.18
C PHE A 252 -4.87 -25.75 2.98
N ILE A 253 -3.88 -25.16 2.34
CA ILE A 253 -4.12 -24.32 1.12
C ILE A 253 -4.78 -25.14 0.03
N SER A 254 -5.87 -24.61 -0.53
CA SER A 254 -6.65 -25.30 -1.56
C SER A 254 -6.69 -24.52 -2.82
N GLY A 255 -6.26 -23.25 -2.77
CA GLY A 255 -6.38 -22.46 -3.98
C GLY A 255 -5.93 -20.99 -3.75
N ALA A 256 -6.14 -20.16 -4.74
CA ALA A 256 -5.88 -18.72 -4.59
C ALA A 256 -6.62 -18.00 -5.71
N SER A 257 -6.86 -16.71 -5.51
CA SER A 257 -7.49 -15.84 -6.53
C SER A 257 -6.86 -14.48 -6.43
N ILE A 258 -6.71 -13.79 -7.56
CA ILE A 258 -6.16 -12.41 -7.60
C ILE A 258 -7.09 -11.43 -8.28
N GLN A 259 -7.33 -10.26 -7.66
CA GLN A 259 -8.03 -9.14 -8.27
C GLN A 259 -6.98 -8.05 -8.41
N SER A 260 -6.94 -7.39 -9.57
CA SER A 260 -5.99 -6.29 -9.78
C SER A 260 -6.77 -5.00 -9.99
N TYR A 261 -6.11 -3.87 -9.76
CA TYR A 261 -6.78 -2.59 -9.85
C TYR A 261 -5.85 -1.56 -10.38
N LEU A 262 -6.43 -0.58 -11.05
CA LEU A 262 -5.66 0.69 -11.49
C LEU A 262 -4.30 0.41 -12.15
N LEU A 263 -4.26 -0.52 -13.08
CA LEU A 263 -3.04 -0.68 -13.81
C LEU A 263 -2.70 0.67 -14.58
N GLU A 264 -1.43 1.13 -14.52
CA GLU A 264 -1.07 2.41 -15.11
C GLU A 264 -0.79 2.21 -16.64
N LYS A 265 -1.85 2.21 -17.46
CA LYS A 265 -1.64 1.82 -18.84
C LYS A 265 -0.85 2.88 -19.58
N SER A 266 -0.89 4.12 -19.12
CA SER A 266 -0.21 5.19 -19.82
C SER A 266 1.33 4.99 -19.84
N ARG A 267 1.87 4.24 -18.88
CA ARG A 267 3.30 4.01 -18.87
C ARG A 267 3.78 3.24 -20.10
N VAL A 268 2.89 2.48 -20.75
CA VAL A 268 3.29 1.78 -21.94
C VAL A 268 3.82 2.76 -23.04
N VAL A 269 3.21 3.95 -23.10
CA VAL A 269 3.46 4.88 -24.22
C VAL A 269 4.30 6.04 -23.82
N PHE A 270 4.51 6.22 -22.51
CA PHE A 270 5.29 7.40 -22.03
C PHE A 270 5.92 7.06 -20.69
N GLN A 271 7.20 7.34 -20.54
CA GLN A 271 7.86 7.29 -19.26
C GLN A 271 8.64 8.62 -19.01
N SER A 272 8.48 9.16 -17.82
CA SER A 272 9.31 10.26 -17.42
C SER A 272 10.82 9.90 -17.34
N GLU A 273 11.66 10.92 -17.43
CA GLU A 273 13.10 10.80 -17.41
C GLU A 273 13.58 9.85 -16.31
N THR A 274 14.52 8.97 -16.63
CA THR A 274 15.18 7.94 -15.77
C THR A 274 14.29 6.74 -15.34
N GLU A 275 12.99 6.80 -15.66
CA GLU A 275 12.04 5.73 -15.42
C GLU A 275 12.08 4.68 -16.54
N ARG A 276 11.55 3.48 -16.32
CA ARG A 276 11.40 2.53 -17.41
C ARG A 276 9.94 2.24 -17.69
N ASN A 277 9.70 1.61 -18.84
CA ASN A 277 8.43 0.97 -19.17
C ASN A 277 8.33 -0.26 -18.28
N TYR A 278 7.24 -1.03 -18.40
CA TYR A 278 7.13 -2.31 -17.71
C TYR A 278 8.30 -3.23 -17.95
N HIS A 279 8.71 -3.98 -16.91
CA HIS A 279 9.87 -4.87 -17.01
C HIS A 279 9.84 -5.81 -18.23
N ILE A 280 8.67 -6.36 -18.53
CA ILE A 280 8.51 -7.37 -19.58
C ILE A 280 9.12 -6.93 -20.93
N PHE A 281 9.01 -5.64 -21.27
CA PHE A 281 9.51 -5.17 -22.58
C PHE A 281 11.05 -5.34 -22.64
N TYR A 282 11.73 -4.95 -21.57
CA TYR A 282 13.22 -5.18 -21.46
C TYR A 282 13.58 -6.66 -21.35
N GLN A 283 12.76 -7.40 -20.61
CA GLN A 283 13.05 -8.83 -20.48
C GLN A 283 13.04 -9.51 -21.86
N LEU A 284 11.98 -9.21 -22.62
CA LEU A 284 11.79 -9.84 -23.91
C LEU A 284 12.99 -9.56 -24.82
N LEU A 285 13.28 -8.29 -24.97
CA LEU A 285 14.37 -7.84 -25.78
C LEU A 285 15.71 -8.45 -25.32
N ALA A 286 15.94 -8.48 -24.00
CA ALA A 286 17.21 -9.01 -23.48
C ALA A 286 17.28 -10.49 -23.65
N GLY A 287 16.15 -11.15 -23.52
CA GLY A 287 16.16 -12.56 -23.22
C GLY A 287 15.69 -13.46 -24.36
N ALA A 288 15.10 -12.88 -25.40
CA ALA A 288 14.54 -13.71 -26.48
C ALA A 288 15.71 -14.45 -27.21
N THR A 289 15.44 -15.64 -27.72
CA THR A 289 16.43 -16.35 -28.55
C THR A 289 16.56 -15.65 -29.88
N ALA A 290 17.63 -15.93 -30.62
CA ALA A 290 17.83 -15.30 -31.94
C ALA A 290 16.63 -15.58 -32.85
N GLU A 291 16.08 -16.79 -32.75
CA GLU A 291 14.92 -17.21 -33.55
C GLU A 291 13.60 -16.53 -33.16
N GLU A 292 13.48 -16.12 -31.89
CA GLU A 292 12.31 -15.37 -31.46
C GLU A 292 12.51 -13.94 -31.92
N LYS A 293 13.73 -13.43 -31.83
CA LYS A 293 13.97 -12.06 -32.20
C LYS A 293 13.59 -11.83 -33.66
N LYS A 294 13.99 -12.76 -34.53
CA LYS A 294 13.70 -12.64 -35.96
C LYS A 294 12.23 -12.85 -36.25
N ALA A 295 11.59 -13.81 -35.59
CA ALA A 295 10.17 -14.05 -35.80
C ALA A 295 9.28 -12.89 -35.29
N LEU A 296 9.78 -12.15 -34.29
CA LEU A 296 9.03 -11.01 -33.68
C LEU A 296 9.53 -9.70 -34.25
N HIS A 297 10.55 -9.80 -35.11
CA HIS A 297 11.16 -8.60 -35.67
C HIS A 297 11.70 -7.67 -34.60
N LEU A 298 12.34 -8.20 -33.57
CA LEU A 298 12.85 -7.33 -32.47
C LEU A 298 14.25 -6.83 -32.70
N ALA A 299 14.55 -5.63 -32.23
CA ALA A 299 15.92 -5.15 -32.04
C ALA A 299 16.14 -4.73 -30.56
N GLY A 300 17.05 -3.80 -30.33
CA GLY A 300 17.40 -3.36 -28.98
C GLY A 300 16.41 -2.30 -28.52
N PRO A 301 16.38 -2.02 -27.19
CA PRO A 301 15.37 -1.04 -26.70
C PRO A 301 15.56 0.34 -27.30
N GLU A 302 16.78 0.67 -27.73
CA GLU A 302 17.04 1.98 -28.29
C GLU A 302 16.31 2.16 -29.64
N SER A 303 15.84 1.07 -30.24
CA SER A 303 15.13 1.14 -31.52
C SER A 303 13.62 1.22 -31.41
N PHE A 304 13.08 1.45 -30.20
CA PHE A 304 11.60 1.57 -30.07
C PHE A 304 11.26 2.82 -29.33
N ASN A 305 10.35 3.61 -29.93
CA ASN A 305 9.95 4.87 -29.33
C ASN A 305 9.42 4.68 -27.90
N TYR A 306 8.78 3.53 -27.63
CA TYR A 306 8.16 3.29 -26.32
C TYR A 306 9.23 2.95 -25.24
N LEU A 307 10.49 2.71 -25.66
CA LEU A 307 11.59 2.38 -24.71
C LEU A 307 12.82 3.30 -24.82
N ASN A 308 12.81 4.32 -25.69
CA ASN A 308 14.06 5.04 -25.92
C ASN A 308 13.93 6.48 -25.60
N GLN A 309 12.91 6.85 -24.83
CA GLN A 309 12.68 8.24 -24.52
CA GLN A 309 12.75 8.26 -24.55
C GLN A 309 13.16 8.69 -23.12
N SER A 310 13.21 7.76 -22.16
CA SER A 310 13.50 8.14 -20.76
C SER A 310 15.00 8.31 -20.47
N GLY A 311 15.84 7.71 -21.30
CA GLY A 311 17.26 7.68 -21.02
C GLY A 311 17.67 6.53 -20.13
N CYS A 312 16.75 5.60 -19.83
CA CYS A 312 17.12 4.50 -18.96
C CYS A 312 16.53 3.20 -19.51
N VAL A 313 17.39 2.23 -19.77
CA VAL A 313 16.92 0.96 -20.23
C VAL A 313 17.43 -0.16 -19.34
N ASP A 314 18.20 0.16 -18.28
CA ASP A 314 18.85 -0.82 -17.43
C ASP A 314 18.55 -0.49 -15.95
N ILE A 315 18.49 -1.48 -15.08
CA ILE A 315 18.33 -1.18 -13.65
C ILE A 315 19.56 -1.76 -12.96
N LYS A 316 20.24 -0.95 -12.16
CA LYS A 316 21.48 -1.43 -11.52
C LYS A 316 21.19 -2.66 -10.68
N GLY A 317 21.99 -3.71 -10.88
CA GLY A 317 21.82 -4.95 -10.15
C GLY A 317 20.79 -5.92 -10.64
N VAL A 318 20.19 -5.59 -11.79
CA VAL A 318 19.16 -6.42 -12.37
C VAL A 318 19.55 -6.89 -13.76
N SER A 319 19.40 -8.18 -14.00
CA SER A 319 19.67 -8.71 -15.34
C SER A 319 18.36 -9.07 -16.03
N ASP A 320 17.98 -8.27 -17.02
CA ASP A 320 16.67 -8.49 -17.68
C ASP A 320 16.57 -9.84 -18.40
N SER A 321 17.70 -10.39 -18.88
CA SER A 321 17.61 -11.70 -19.53
C SER A 321 17.46 -12.79 -18.46
N GLU A 322 18.15 -12.68 -17.32
CA GLU A 322 17.92 -13.66 -16.24
CA GLU A 322 17.91 -13.65 -16.25
C GLU A 322 16.47 -13.55 -15.75
N GLU A 323 15.94 -12.33 -15.73
CA GLU A 323 14.52 -12.18 -15.27
C GLU A 323 13.56 -12.73 -16.31
N PHE A 324 13.93 -12.66 -17.59
CA PHE A 324 13.07 -13.25 -18.60
C PHE A 324 12.95 -14.74 -18.35
N LYS A 325 14.07 -15.36 -17.94
CA LYS A 325 14.06 -16.80 -17.68
C LYS A 325 13.14 -17.13 -16.53
N ILE A 326 13.27 -16.39 -15.44
CA ILE A 326 12.39 -16.48 -14.32
C ILE A 326 10.90 -16.35 -14.70
N THR A 327 10.55 -15.31 -15.46
CA THR A 327 9.18 -15.13 -15.96
C THR A 327 8.71 -16.32 -16.82
N ARG A 328 9.55 -16.80 -17.75
CA ARG A 328 9.13 -17.96 -18.53
C ARG A 328 8.99 -19.21 -17.69
N GLN A 329 9.91 -19.44 -16.76
CA GLN A 329 9.75 -20.56 -15.82
C GLN A 329 8.45 -20.47 -14.99
N ALA A 330 8.14 -19.27 -14.51
CA ALA A 330 6.83 -19.05 -13.79
C ALA A 330 5.63 -19.43 -14.63
N MET A 331 5.61 -18.96 -15.89
CA MET A 331 4.55 -19.32 -16.85
C MET A 331 4.39 -20.82 -17.09
N ASP A 332 5.54 -21.49 -17.29
CA ASP A 332 5.54 -22.98 -17.42
C ASP A 332 4.86 -23.56 -16.21
N ILE A 333 5.31 -23.15 -15.03
CA ILE A 333 4.78 -23.77 -13.83
C ILE A 333 3.25 -23.51 -13.61
N VAL A 334 2.80 -22.28 -13.84
CA VAL A 334 1.37 -22.05 -13.72
C VAL A 334 0.65 -22.84 -14.84
N GLY A 335 1.31 -23.04 -15.98
CA GLY A 335 0.72 -23.88 -17.02
C GLY A 335 0.23 -23.16 -18.25
N PHE A 336 0.77 -21.95 -18.51
CA PHE A 336 0.62 -21.34 -19.82
C PHE A 336 1.34 -22.24 -20.86
N SER A 337 0.65 -22.56 -21.95
CA SER A 337 1.21 -23.42 -22.98
C SER A 337 2.24 -22.62 -23.75
N GLN A 338 3.08 -23.37 -24.47
CA GLN A 338 4.09 -22.78 -25.29
C GLN A 338 3.47 -21.84 -26.31
N GLU A 339 2.27 -22.19 -26.80
CA GLU A 339 1.64 -21.37 -27.82
C GLU A 339 1.10 -20.08 -27.17
N GLU A 340 0.52 -20.22 -25.98
CA GLU A 340 0.08 -19.06 -25.19
C GLU A 340 1.25 -18.09 -24.92
N GLN A 341 2.39 -18.63 -24.51
CA GLN A 341 3.52 -17.78 -24.21
C GLN A 341 3.99 -17.04 -25.44
N MET A 342 4.12 -17.76 -26.56
CA MET A 342 4.48 -17.08 -27.79
C MET A 342 3.51 -15.97 -28.10
N SER A 343 2.23 -16.26 -28.00
CA SER A 343 1.25 -15.14 -28.30
C SER A 343 1.36 -13.91 -27.34
N ILE A 344 1.65 -14.18 -26.07
CA ILE A 344 1.90 -13.08 -25.14
C ILE A 344 3.08 -12.26 -25.66
N PHE A 345 4.18 -12.94 -26.00
CA PHE A 345 5.34 -12.20 -26.49
C PHE A 345 5.06 -11.50 -27.78
N LYS A 346 4.16 -12.10 -28.58
CA LYS A 346 3.78 -11.45 -29.85
C LYS A 346 3.02 -10.13 -29.59
N ILE A 347 2.15 -10.16 -28.58
CA ILE A 347 1.44 -8.95 -28.21
C ILE A 347 2.40 -7.84 -27.73
N ILE A 348 3.37 -8.22 -26.88
CA ILE A 348 4.36 -7.30 -26.37
C ILE A 348 5.17 -6.69 -27.52
N ALA A 349 5.70 -7.56 -28.38
CA ALA A 349 6.44 -7.10 -29.59
C ALA A 349 5.58 -6.25 -30.49
N GLY A 350 4.34 -6.66 -30.68
CA GLY A 350 3.45 -5.83 -31.54
C GLY A 350 3.16 -4.45 -31.01
N ILE A 351 3.02 -4.33 -29.67
CA ILE A 351 2.91 -2.97 -29.08
C ILE A 351 4.13 -2.11 -29.36
N LEU A 352 5.31 -2.67 -29.16
CA LEU A 352 6.50 -1.88 -29.48
C LEU A 352 6.44 -1.49 -30.96
N HIS A 353 6.12 -2.44 -31.84
CA HIS A 353 5.97 -2.08 -33.31
C HIS A 353 4.94 -0.99 -33.52
N LEU A 354 3.79 -1.08 -32.84
CA LEU A 354 2.83 0.03 -32.99
C LEU A 354 3.42 1.35 -32.63
N GLY A 355 4.21 1.37 -31.57
CA GLY A 355 4.75 2.66 -31.12
C GLY A 355 5.75 3.28 -32.11
N ASN A 356 6.29 2.46 -33.01
CA ASN A 356 7.22 2.94 -34.03
C ASN A 356 6.56 3.39 -35.32
N ILE A 357 5.25 3.13 -35.49
CA ILE A 357 4.53 3.65 -36.65
C ILE A 357 4.75 5.14 -36.60
N LYS A 358 5.20 5.74 -37.70
CA LYS A 358 5.30 7.22 -37.72
C LYS A 358 4.25 7.82 -38.65
N PHE A 359 3.30 8.57 -38.10
CA PHE A 359 2.28 9.20 -38.91
C PHE A 359 2.83 10.45 -39.60
N GLU A 360 2.54 10.56 -40.89
CA GLU A 360 2.95 11.74 -41.61
C GLU A 360 1.77 12.38 -42.30
N LYS A 361 1.84 13.70 -42.48
CA LYS A 361 0.91 14.47 -43.34
C LYS A 361 1.12 14.10 -44.81
N GLY A 362 0.05 13.89 -45.58
CA GLY A 362 0.22 13.58 -47.03
C GLY A 362 -0.47 14.55 -47.97
N ALA A 363 -0.77 15.74 -47.44
CA ALA A 363 -1.73 16.65 -48.09
C ALA A 363 -2.62 17.10 -46.95
N GLY A 364 -3.76 17.74 -47.23
CA GLY A 364 -4.58 18.41 -46.20
C GLY A 364 -4.62 17.97 -44.72
N GLU A 365 -3.89 16.90 -44.40
CA GLU A 365 -3.96 16.13 -43.11
C GLU A 365 -5.25 15.37 -42.86
N GLY A 366 -5.30 14.18 -43.42
CA GLY A 366 -4.10 13.56 -43.88
C GLY A 366 -3.64 12.67 -42.74
N ALA A 367 -2.35 12.54 -42.63
CA ALA A 367 -1.77 11.38 -42.00
C ALA A 367 -1.94 10.28 -43.01
N VAL A 368 -0.79 9.74 -43.36
CA VAL A 368 -0.66 8.57 -44.19
C VAL A 368 0.57 7.88 -43.64
N LEU A 369 0.79 6.67 -44.09
CA LEU A 369 1.97 5.93 -43.71
C LEU A 369 2.83 5.73 -44.98
N LYS A 370 3.98 6.39 -45.00
CA LYS A 370 4.89 6.26 -46.13
C LYS A 370 5.78 5.04 -46.01
N ASP A 371 6.27 4.73 -44.83
CA ASP A 371 7.00 3.49 -44.62
C ASP A 371 5.98 2.64 -43.87
N LYS A 372 5.80 1.41 -44.32
CA LYS A 372 4.80 0.49 -43.77
C LYS A 372 5.45 -0.58 -42.90
N THR A 373 6.76 -0.47 -42.73
CA THR A 373 7.51 -1.52 -42.05
C THR A 373 6.96 -1.77 -40.63
N ALA A 374 6.69 -0.71 -39.88
CA ALA A 374 6.26 -0.92 -38.43
C ALA A 374 4.84 -1.43 -38.40
N LEU A 375 3.99 -0.82 -39.23
CA LEU A 375 2.61 -1.30 -39.41
C LEU A 375 2.57 -2.78 -39.72
N ASN A 376 3.40 -3.19 -40.68
CA ASN A 376 3.38 -4.60 -41.07
C ASN A 376 3.88 -5.56 -40.03
N ALA A 377 4.96 -5.16 -39.38
CA ALA A 377 5.53 -5.93 -38.28
C ALA A 377 4.44 -6.15 -37.22
N ALA A 378 3.84 -5.06 -36.79
CA ALA A 378 2.75 -5.15 -35.81
C ALA A 378 1.66 -6.09 -36.31
N SER A 379 1.25 -5.86 -37.57
CA SER A 379 0.13 -6.65 -38.14
C SER A 379 0.47 -8.13 -38.14
N THR A 380 1.71 -8.45 -38.53
CA THR A 380 2.17 -9.86 -38.58
C THR A 380 2.10 -10.55 -37.21
N VAL A 381 2.66 -9.88 -36.23
CA VAL A 381 2.74 -10.45 -34.92
C VAL A 381 1.37 -10.59 -34.26
N PHE A 382 0.49 -9.59 -34.46
CA PHE A 382 -0.90 -9.65 -33.94
C PHE A 382 -1.88 -10.56 -34.71
N GLY A 383 -1.52 -10.89 -35.95
CA GLY A 383 -2.43 -11.74 -36.76
C GLY A 383 -3.57 -10.90 -37.35
N VAL A 384 -3.30 -9.64 -37.70
CA VAL A 384 -4.37 -8.80 -38.21
C VAL A 384 -4.04 -8.33 -39.62
N ASN A 385 -5.06 -7.81 -40.28
CA ASN A 385 -4.89 -7.34 -41.64
C ASN A 385 -4.34 -5.92 -41.62
N PRO A 386 -3.08 -5.73 -42.09
CA PRO A 386 -2.44 -4.40 -42.08
C PRO A 386 -3.16 -3.31 -42.82
N SER A 387 -3.84 -3.65 -43.93
CA SER A 387 -4.65 -2.64 -44.62
C SER A 387 -5.92 -2.28 -43.79
N VAL A 388 -6.51 -3.25 -43.10
CA VAL A 388 -7.61 -2.96 -42.16
C VAL A 388 -7.10 -2.12 -40.92
N LEU A 389 -5.93 -2.49 -40.38
CA LEU A 389 -5.28 -1.70 -39.28
C LEU A 389 -5.01 -0.26 -39.66
N GLU A 390 -4.38 -0.09 -40.83
CA GLU A 390 -4.10 1.20 -41.38
C GLU A 390 -5.32 2.08 -41.46
N LYS A 391 -6.42 1.56 -42.00
CA LYS A 391 -7.59 2.43 -42.16
C LYS A 391 -8.25 2.70 -40.80
N ALA A 392 -8.24 1.70 -39.92
CA ALA A 392 -8.90 1.90 -38.59
C ALA A 392 -8.16 2.94 -37.76
N LEU A 393 -6.82 3.02 -37.91
CA LEU A 393 -5.99 4.08 -37.30
C LEU A 393 -6.21 5.48 -37.87
N MET A 394 -6.23 5.63 -39.19
CA MET A 394 -6.18 7.00 -39.80
C MET A 394 -7.51 7.44 -40.42
N GLU A 395 -8.36 6.46 -40.75
CA GLU A 395 -9.68 6.76 -41.24
C GLU A 395 -10.77 5.92 -40.59
N PRO A 396 -11.01 6.10 -39.26
CA PRO A 396 -12.05 5.32 -38.60
C PRO A 396 -13.43 5.80 -39.03
N ARG A 397 -14.39 4.90 -39.14
CA ARG A 397 -15.74 5.31 -39.50
C ARG A 397 -16.39 5.75 -38.23
N ILE A 398 -16.97 6.94 -38.26
CA ILE A 398 -17.61 7.51 -37.08
C ILE A 398 -19.11 7.78 -37.31
N LEU A 399 -19.92 7.41 -36.34
CA LEU A 399 -21.32 7.72 -36.37
C LEU A 399 -21.55 9.22 -36.13
N ALA A 400 -22.28 9.86 -37.03
CA ALA A 400 -22.51 11.30 -36.95
C ALA A 400 -23.96 11.43 -37.36
N GLY A 401 -24.82 11.36 -36.35
CA GLY A 401 -26.28 11.32 -36.57
C GLY A 401 -26.66 9.92 -36.98
N ARG A 402 -27.11 9.79 -38.21
CA ARG A 402 -27.56 8.47 -38.68
C ARG A 402 -26.62 7.93 -39.76
N ASP A 403 -25.67 8.79 -40.16
CA ASP A 403 -24.61 8.47 -41.09
C ASP A 403 -23.34 7.89 -40.41
N LEU A 404 -22.79 6.80 -40.97
CA LEU A 404 -21.51 6.21 -40.58
C LEU A 404 -20.48 6.59 -41.63
N VAL A 405 -19.60 7.54 -41.34
CA VAL A 405 -18.68 8.04 -42.36
C VAL A 405 -17.22 7.94 -41.82
N ALA A 406 -16.32 7.47 -42.67
CA ALA A 406 -14.87 7.43 -42.39
C ALA A 406 -14.37 8.86 -42.21
N GLN A 407 -13.71 9.16 -41.09
CA GLN A 407 -13.18 10.54 -40.91
C GLN A 407 -11.68 10.44 -41.00
N HIS A 408 -11.05 11.20 -41.88
CA HIS A 408 -9.62 11.14 -42.07
C HIS A 408 -8.90 11.90 -40.94
N LEU A 409 -8.28 11.17 -40.00
CA LEU A 409 -7.66 11.88 -38.87
C LEU A 409 -6.32 12.47 -39.25
N ASN A 410 -5.97 13.60 -38.65
CA ASN A 410 -4.65 14.20 -38.81
C ASN A 410 -3.59 13.39 -38.05
N VAL A 411 -2.33 13.86 -38.11
CA VAL A 411 -1.22 13.09 -37.53
C VAL A 411 -1.42 12.92 -36.01
N GLU A 412 -1.78 14.01 -35.34
CA GLU A 412 -1.89 13.99 -33.88
C GLU A 412 -3.05 13.09 -33.39
N LYS A 413 -4.20 13.15 -34.02
CA LYS A 413 -5.29 12.29 -33.62
C LYS A 413 -5.03 10.84 -34.03
N SER A 414 -4.33 10.66 -35.16
CA SER A 414 -3.93 9.33 -35.56
C SER A 414 -2.97 8.75 -34.50
N SER A 415 -2.01 9.56 -34.09
CA SER A 415 -1.02 9.14 -33.06
C SER A 415 -1.72 8.87 -31.66
N SER A 416 -2.71 9.67 -31.28
CA SER A 416 -3.42 9.42 -30.04
C SER A 416 -4.21 8.09 -30.14
N SER A 417 -4.77 7.83 -31.33
CA SER A 417 -5.64 6.67 -31.48
C SER A 417 -4.78 5.43 -31.42
N ARG A 418 -3.61 5.53 -32.00
CA ARG A 418 -2.65 4.44 -31.95
C ARG A 418 -2.25 4.20 -30.48
N ASP A 419 -2.02 5.30 -29.76
CA ASP A 419 -1.69 5.15 -28.31
C ASP A 419 -2.84 4.51 -27.54
N ALA A 420 -4.06 4.88 -27.87
CA ALA A 420 -5.21 4.28 -27.21
C ALA A 420 -5.28 2.80 -27.48
N LEU A 421 -4.94 2.40 -28.71
CA LEU A 421 -4.93 1.00 -29.07
C LEU A 421 -3.88 0.23 -28.24
N VAL A 422 -2.69 0.81 -28.13
CA VAL A 422 -1.64 0.16 -27.38
C VAL A 422 -2.11 -0.05 -25.88
N LYS A 423 -2.62 1.01 -25.25
CA LYS A 423 -3.08 0.91 -23.86
C LYS A 423 -4.19 -0.11 -23.70
N ALA A 424 -5.10 -0.19 -24.69
CA ALA A 424 -6.09 -1.24 -24.64
C ALA A 424 -5.56 -2.65 -24.78
N LEU A 425 -4.59 -2.86 -25.67
CA LEU A 425 -3.98 -4.15 -25.80
C LEU A 425 -3.29 -4.54 -24.49
N TYR A 426 -2.57 -3.59 -23.94
CA TYR A 426 -1.83 -3.85 -22.67
C TYR A 426 -2.74 -4.13 -21.46
N GLY A 427 -3.72 -3.27 -21.24
CA GLY A 427 -4.69 -3.52 -20.20
C GLY A 427 -5.42 -4.84 -20.32
N ARG A 428 -5.89 -5.18 -21.55
CA ARG A 428 -6.58 -6.42 -21.73
C ARG A 428 -5.70 -7.63 -21.58
N LEU A 429 -4.50 -7.56 -22.11
CA LEU A 429 -3.55 -8.63 -21.87
C LEU A 429 -3.37 -8.81 -20.37
N PHE A 430 -3.20 -7.73 -19.62
CA PHE A 430 -2.97 -7.94 -18.20
C PHE A 430 -4.15 -8.64 -17.50
N LEU A 431 -5.36 -8.21 -17.84
CA LEU A 431 -6.58 -8.80 -17.29
C LEU A 431 -6.71 -10.28 -17.68
N TRP A 432 -6.43 -10.56 -18.95
CA TRP A 432 -6.33 -11.98 -19.46
C TRP A 432 -5.35 -12.85 -18.67
N LEU A 433 -4.16 -12.30 -18.40
CA LEU A 433 -3.19 -13.00 -17.58
C LEU A 433 -3.75 -13.28 -16.21
N VAL A 434 -4.37 -12.28 -15.56
CA VAL A 434 -4.94 -12.50 -14.24
C VAL A 434 -6.01 -13.61 -14.29
N LYS A 435 -6.92 -13.49 -15.24
CA LYS A 435 -7.98 -14.52 -15.36
C LYS A 435 -7.41 -15.93 -15.60
N LYS A 436 -6.42 -16.02 -16.44
CA LYS A 436 -5.76 -17.27 -16.71
C LYS A 436 -5.13 -17.88 -15.45
N ILE A 437 -4.41 -17.05 -14.68
CA ILE A 437 -3.87 -17.53 -13.43
C ILE A 437 -5.01 -17.94 -12.50
N ASN A 438 -6.06 -17.15 -12.40
CA ASN A 438 -7.20 -17.53 -11.54
C ASN A 438 -7.82 -18.90 -11.90
N ASN A 439 -7.98 -19.11 -13.21
CA ASN A 439 -8.51 -20.37 -13.74
C ASN A 439 -7.66 -21.53 -13.26
N VAL A 440 -6.36 -21.36 -13.13
CA VAL A 440 -5.55 -22.45 -12.60
C VAL A 440 -5.66 -22.59 -11.07
N LEU A 441 -5.62 -21.46 -10.35
CA LEU A 441 -5.44 -21.47 -8.90
C LEU A 441 -6.74 -21.50 -8.11
N CYS A 442 -7.80 -20.93 -8.66
CA CYS A 442 -8.98 -20.57 -7.87
C CYS A 442 -9.90 -21.78 -7.64
N GLN A 443 -10.37 -21.89 -6.41
CA GLN A 443 -11.21 -23.01 -6.04
C GLN A 443 -12.61 -22.46 -5.88
N GLU A 444 -13.50 -22.93 -6.74
CA GLU A 444 -14.92 -22.61 -6.63
C GLU A 444 -15.44 -22.97 -5.23
N ARG A 445 -14.82 -23.98 -4.59
CA ARG A 445 -15.19 -24.45 -3.24
C ARG A 445 -14.09 -24.31 -2.17
N LYS A 446 -13.71 -23.09 -1.82
CA LYS A 446 -12.88 -22.91 -0.65
C LYS A 446 -13.81 -22.98 0.59
N ALA A 447 -13.32 -23.46 1.73
CA ALA A 447 -14.05 -23.36 2.95
C ALA A 447 -13.76 -21.95 3.60
N TYR A 448 -12.47 -21.54 3.59
CA TYR A 448 -12.05 -20.25 4.22
C TYR A 448 -11.02 -19.51 3.33
N PHE A 449 -10.72 -18.26 3.66
CA PHE A 449 -9.62 -17.56 2.93
C PHE A 449 -8.96 -16.55 3.85
N ILE A 450 -7.70 -16.25 3.55
CA ILE A 450 -7.05 -15.12 4.05
C ILE A 450 -6.70 -14.24 2.86
N GLY A 451 -7.24 -13.03 2.86
CA GLY A 451 -7.04 -12.11 1.76
C GLY A 451 -5.94 -11.12 2.09
N VAL A 452 -5.05 -10.87 1.13
CA VAL A 452 -3.98 -9.87 1.33
C VAL A 452 -4.10 -8.73 0.32
N LEU A 453 -4.29 -7.53 0.86
CA LEU A 453 -4.35 -6.36 -0.03
C LEU A 453 -2.99 -5.64 -0.03
N ASP A 454 -2.47 -5.36 -1.21
CA ASP A 454 -1.20 -4.66 -1.40
C ASP A 454 -1.51 -3.52 -2.35
N ILE A 455 -1.76 -2.33 -1.74
CA ILE A 455 -2.11 -1.15 -2.48
C ILE A 455 -1.48 0.02 -1.86
N SER A 456 -1.35 1.08 -2.60
CA SER A 456 -0.92 2.34 -2.04
C SER A 456 -1.82 2.91 -0.97
N GLY A 457 -1.24 3.65 -0.02
CA GLY A 457 -2.04 4.40 0.95
C GLY A 457 -2.42 5.65 0.19
N PHE A 458 -2.76 6.68 0.93
CA PHE A 458 -3.10 7.98 0.30
C PHE A 458 -1.92 8.45 -0.61
N GLU A 459 -2.26 8.98 -1.80
CA GLU A 459 -1.27 9.54 -2.72
C GLU A 459 -1.45 11.01 -2.87
N ILE A 460 -0.46 11.74 -2.41
CA ILE A 460 -0.57 13.19 -2.43
C ILE A 460 0.71 13.70 -3.07
N PHE A 461 0.67 13.90 -4.37
CA PHE A 461 1.81 14.31 -5.16
C PHE A 461 1.74 15.79 -5.47
N LYS A 462 2.77 16.24 -6.17
CA LYS A 462 2.84 17.61 -6.71
C LYS A 462 1.70 17.79 -7.72
N VAL A 463 1.52 16.82 -8.59
CA VAL A 463 0.30 16.77 -9.37
C VAL A 463 -0.58 15.60 -9.02
N ASN A 464 -1.86 15.89 -8.76
CA ASN A 464 -2.83 14.77 -8.59
C ASN A 464 -3.91 14.72 -9.64
N SER A 465 -4.16 13.53 -10.16
CA SER A 465 -5.12 13.41 -11.26
C SER A 465 -6.17 12.36 -10.87
N PHE A 466 -6.91 11.87 -11.84
CA PHE A 466 -8.05 10.98 -11.61
C PHE A 466 -7.66 9.72 -10.85
N GLU A 467 -6.53 9.14 -11.21
CA GLU A 467 -6.07 7.90 -10.50
C GLU A 467 -5.73 8.16 -9.03
N GLN A 468 -5.23 9.36 -8.70
CA GLN A 468 -5.03 9.72 -7.28
C GLN A 468 -6.36 9.88 -6.56
N LEU A 469 -7.35 10.49 -7.20
CA LEU A 469 -8.64 10.59 -6.51
C LEU A 469 -9.17 9.14 -6.25
N CYS A 470 -9.05 8.25 -7.23
CA CYS A 470 -9.50 6.88 -7.04
C CYS A 470 -8.83 6.24 -5.83
N ILE A 471 -7.49 6.21 -5.80
CA ILE A 471 -6.85 5.51 -4.67
C ILE A 471 -7.10 6.29 -3.35
N ASN A 472 -7.26 7.64 -3.40
CA ASN A 472 -7.55 8.34 -2.12
C ASN A 472 -9.00 8.07 -1.60
N TYR A 473 -9.90 7.84 -2.53
CA TYR A 473 -11.28 7.43 -2.26
C TYR A 473 -11.26 6.04 -1.61
N THR A 474 -10.45 5.13 -2.19
CA THR A 474 -10.24 3.79 -1.59
C THR A 474 -9.71 3.88 -0.16
N ASN A 475 -8.68 4.69 0.01
CA ASN A 475 -8.07 4.86 1.34
C ASN A 475 -9.00 5.56 2.36
N GLU A 476 -9.92 6.46 1.90
CA GLU A 476 -10.97 6.99 2.81
C GLU A 476 -11.78 5.82 3.36
N LYS A 477 -12.23 4.95 2.47
CA LYS A 477 -13.00 3.77 2.92
C LYS A 477 -12.24 2.88 3.85
N LEU A 478 -10.96 2.63 3.54
CA LEU A 478 -10.16 1.70 4.36
C LEU A 478 -9.83 2.29 5.73
N GLN A 479 -9.60 3.60 5.76
CA GLN A 479 -9.35 4.25 7.07
C GLN A 479 -10.64 4.28 7.90
N GLN A 480 -11.78 4.56 7.28
CA GLN A 480 -13.07 4.45 7.98
C GLN A 480 -13.28 3.02 8.56
N PHE A 481 -12.95 2.00 7.73
CA PHE A 481 -13.05 0.57 8.18
C PHE A 481 -12.13 0.31 9.38
N PHE A 482 -10.89 0.81 9.29
CA PHE A 482 -10.00 0.67 10.45
C PHE A 482 -10.61 1.34 11.72
N ASN A 483 -11.06 2.59 11.60
CA ASN A 483 -11.65 3.31 12.74
C ASN A 483 -12.77 2.53 13.43
N HIS A 484 -13.73 2.02 12.67
CA HIS A 484 -14.80 1.17 13.18
C HIS A 484 -14.28 -0.09 13.84
N HIS A 485 -13.27 -0.72 13.23
CA HIS A 485 -12.64 -1.88 13.80
C HIS A 485 -11.98 -1.56 15.18
N MET A 486 -11.27 -0.43 15.22
CA MET A 486 -10.52 -0.03 16.40
C MET A 486 -11.53 0.27 17.54
N PHE A 487 -12.59 1.00 17.20
CA PHE A 487 -13.71 1.29 18.14
C PHE A 487 -14.31 -0.05 18.63
N LYS A 488 -14.64 -0.99 17.75
CA LYS A 488 -15.18 -2.31 18.22
C LYS A 488 -14.23 -3.08 19.18
N LEU A 489 -12.96 -3.16 18.81
CA LEU A 489 -12.01 -3.89 19.63
C LEU A 489 -11.69 -3.23 20.96
N GLU A 490 -11.60 -1.90 20.98
CA GLU A 490 -11.33 -1.21 22.28
C GLU A 490 -12.48 -1.44 23.25
N GLN A 491 -13.71 -1.30 22.75
CA GLN A 491 -14.86 -1.53 23.63
C GLN A 491 -14.95 -2.99 24.10
N GLU A 492 -14.64 -3.94 23.22
CA GLU A 492 -14.51 -5.36 23.68
C GLU A 492 -13.44 -5.56 24.77
N GLU A 493 -12.30 -4.93 24.58
CA GLU A 493 -11.21 -5.05 25.56
C GLU A 493 -11.70 -4.53 26.94
N TYR A 494 -12.34 -3.36 26.98
CA TYR A 494 -12.78 -2.73 28.23
C TYR A 494 -13.89 -3.62 28.82
N LEU A 495 -14.84 -4.04 28.00
CA LEU A 495 -15.90 -4.94 28.45
C LEU A 495 -15.29 -6.19 29.07
N LYS A 496 -14.41 -6.85 28.39
CA LYS A 496 -13.83 -8.08 28.88
C LYS A 496 -13.03 -7.92 30.21
N GLU A 497 -12.43 -6.77 30.42
CA GLU A 497 -11.68 -6.51 31.67
C GLU A 497 -12.56 -5.82 32.72
N LYS A 498 -13.82 -5.63 32.36
CA LYS A 498 -14.81 -4.97 33.18
C LYS A 498 -14.39 -3.58 33.60
N ILE A 499 -14.05 -2.76 32.63
CA ILE A 499 -13.66 -1.39 32.91
C ILE A 499 -14.61 -0.43 32.21
N ASN A 500 -15.24 0.45 32.98
CA ASN A 500 -16.11 1.45 32.39
C ASN A 500 -15.17 2.52 31.91
N TRP A 501 -15.03 2.61 30.61
CA TRP A 501 -14.61 3.87 30.08
C TRP A 501 -15.37 4.05 28.78
N THR A 502 -15.57 5.29 28.38
CA THR A 502 -16.40 5.61 27.25
C THR A 502 -15.95 6.88 26.59
N GLY A 507 -14.98 7.11 12.38
CA GLY A 507 -15.23 6.79 10.93
C GLY A 507 -16.60 7.32 10.49
N LEU A 508 -17.35 7.88 11.45
CA LEU A 508 -18.50 8.72 11.07
C LEU A 508 -17.89 9.96 10.40
N ASP A 509 -16.92 10.59 11.08
CA ASP A 509 -15.93 11.56 10.50
C ASP A 509 -15.54 11.47 8.97
N SER A 510 -15.29 10.28 8.47
CA SER A 510 -14.90 10.05 7.08
C SER A 510 -16.05 10.11 6.07
N GLN A 511 -17.28 10.05 6.56
CA GLN A 511 -18.42 9.90 5.65
C GLN A 511 -18.63 11.15 4.74
N ALA A 512 -18.45 12.33 5.26
CA ALA A 512 -18.58 13.56 4.40
C ALA A 512 -17.65 13.46 3.19
N THR A 513 -16.37 13.09 3.43
CA THR A 513 -15.46 13.12 2.29
C THR A 513 -15.89 12.08 1.30
N ILE A 514 -16.18 10.87 1.80
CA ILE A 514 -16.65 9.80 0.94
C ILE A 514 -17.89 10.20 0.12
N ASP A 515 -18.84 10.85 0.77
CA ASP A 515 -20.08 11.28 0.07
C ASP A 515 -19.77 12.36 -0.98
N LEU A 516 -18.84 13.29 -0.66
CA LEU A 516 -18.48 14.31 -1.66
C LEU A 516 -17.95 13.59 -2.94
N ILE A 517 -17.29 12.45 -2.74
CA ILE A 517 -16.69 11.74 -3.92
C ILE A 517 -17.75 10.89 -4.60
N ASP A 518 -18.44 10.04 -3.85
CA ASP A 518 -19.23 9.02 -4.46
C ASP A 518 -20.81 9.16 -4.31
N GLY A 519 -21.28 10.25 -3.73
CA GLY A 519 -22.72 10.48 -3.55
C GLY A 519 -23.50 10.55 -4.85
N ARG A 520 -24.77 10.11 -4.78
CA ARG A 520 -25.65 10.08 -5.94
C ARG A 520 -26.66 11.23 -5.87
N GLN A 521 -27.29 11.44 -4.71
CA GLN A 521 -28.19 12.60 -4.50
C GLN A 521 -27.99 13.23 -3.17
N PRO A 522 -27.44 14.42 -3.13
CA PRO A 522 -26.97 15.23 -4.22
C PRO A 522 -25.74 14.58 -4.88
N PRO A 523 -25.45 14.94 -6.14
CA PRO A 523 -24.39 14.26 -6.85
C PRO A 523 -23.04 14.65 -6.31
N GLY A 524 -22.18 13.62 -6.15
CA GLY A 524 -20.79 13.88 -5.79
C GLY A 524 -19.92 14.02 -7.04
N ILE A 525 -18.61 14.11 -6.84
CA ILE A 525 -17.70 14.38 -7.93
C ILE A 525 -17.81 13.33 -9.00
N LEU A 526 -17.80 12.02 -8.62
CA LEU A 526 -17.83 11.01 -9.67
C LEU A 526 -19.17 11.04 -10.47
N ALA A 527 -20.27 11.32 -9.75
CA ALA A 527 -21.60 11.42 -10.46
C ALA A 527 -21.62 12.55 -11.46
N LEU A 528 -21.01 13.68 -11.11
CA LEU A 528 -20.95 14.81 -12.07
C LEU A 528 -20.01 14.53 -13.24
N LEU A 529 -18.89 13.83 -12.95
CA LEU A 529 -17.97 13.33 -14.00
C LEU A 529 -18.70 12.41 -14.94
N ASP A 530 -19.43 11.49 -14.40
CA ASP A 530 -20.18 10.53 -15.22
C ASP A 530 -21.24 11.18 -16.08
N GLU A 531 -21.87 12.23 -15.55
CA GLU A 531 -22.93 12.93 -16.31
C GLU A 531 -22.34 13.59 -17.63
N GLN A 532 -21.15 14.17 -17.46
CA GLN A 532 -20.46 14.92 -18.52
C GLN A 532 -19.97 13.97 -19.58
N SER A 533 -19.86 12.70 -19.16
CA SER A 533 -19.25 11.70 -20.00
C SER A 533 -20.15 11.23 -21.18
N VAL A 534 -21.44 11.46 -21.11
CA VAL A 534 -22.27 11.17 -22.30
C VAL A 534 -22.27 12.30 -23.36
N PHE A 535 -21.54 13.40 -23.10
CA PHE A 535 -21.52 14.50 -24.03
C PHE A 535 -20.14 14.58 -24.67
N PRO A 536 -20.03 14.15 -25.92
CA PRO A 536 -18.74 14.02 -26.61
C PRO A 536 -17.97 15.31 -26.75
N ASN A 537 -18.68 16.44 -26.85
CA ASN A 537 -18.04 17.76 -26.90
C ASN A 537 -17.87 18.44 -25.57
N ALA A 538 -18.15 17.73 -24.47
CA ALA A 538 -17.89 18.39 -23.14
C ALA A 538 -16.36 18.60 -23.02
N THR A 539 -15.90 19.54 -22.20
CA THR A 539 -14.44 19.75 -22.08
C THR A 539 -13.98 19.70 -20.61
N ASP A 540 -12.67 19.73 -20.39
CA ASP A 540 -12.11 19.98 -19.02
C ASP A 540 -12.82 21.18 -18.29
N ASN A 541 -12.90 22.32 -18.97
CA ASN A 541 -13.56 23.49 -18.41
C ASN A 541 -15.04 23.26 -18.10
N THR A 542 -15.78 22.57 -18.96
CA THR A 542 -17.20 22.39 -18.58
C THR A 542 -17.29 21.53 -17.31
N LEU A 543 -16.38 20.58 -17.16
CA LEU A 543 -16.41 19.65 -16.01
C LEU A 543 -16.00 20.40 -14.73
N ILE A 544 -14.88 21.10 -14.76
CA ILE A 544 -14.43 21.78 -13.52
C ILE A 544 -15.47 22.87 -13.15
N THR A 545 -16.07 23.48 -14.16
CA THR A 545 -17.07 24.47 -13.82
C THR A 545 -18.27 23.88 -13.09
N LYS A 546 -18.78 22.75 -13.61
CA LYS A 546 -19.84 22.02 -12.91
C LYS A 546 -19.44 21.71 -11.48
N LEU A 547 -18.21 21.21 -11.28
CA LEU A 547 -17.78 20.86 -9.91
C LEU A 547 -17.81 22.08 -8.98
N HIS A 548 -17.23 23.21 -9.41
CA HIS A 548 -17.23 24.39 -8.58
C HIS A 548 -18.72 24.82 -8.32
N SER A 549 -19.56 24.72 -9.33
CA SER A 549 -20.94 25.25 -9.21
C SER A 549 -21.63 24.45 -8.08
N HIS A 550 -21.35 23.14 -7.98
CA HIS A 550 -21.99 22.35 -6.93
C HIS A 550 -21.39 22.46 -5.58
N PHE A 551 -20.07 22.62 -5.48
CA PHE A 551 -19.40 22.44 -4.22
C PHE A 551 -18.65 23.68 -3.69
N SER A 552 -18.28 24.61 -4.57
CA SER A 552 -17.47 25.74 -4.05
C SER A 552 -18.27 26.62 -3.09
N LYS A 553 -17.75 26.77 -1.87
CA LYS A 553 -18.43 27.36 -0.71
C LYS A 553 -19.71 26.65 -0.32
N LYS A 554 -19.98 25.46 -0.84
CA LYS A 554 -21.29 24.85 -0.54
C LYS A 554 -21.06 23.51 0.13
N ASN A 555 -19.88 22.94 -0.07
CA ASN A 555 -19.56 21.68 0.61
C ASN A 555 -18.27 21.89 1.41
N ALA A 556 -18.29 21.68 2.72
CA ALA A 556 -17.12 22.04 3.56
C ALA A 556 -15.86 21.22 3.28
N LYS A 557 -15.96 20.10 2.56
CA LYS A 557 -14.73 19.33 2.23
C LYS A 557 -14.11 19.74 0.86
N TYR A 558 -14.69 20.73 0.15
CA TYR A 558 -14.22 21.06 -1.18
C TYR A 558 -13.65 22.49 -1.15
N GLU A 559 -12.65 22.76 -1.99
CA GLU A 559 -12.18 24.10 -2.18
C GLU A 559 -11.91 24.46 -3.64
N GLU A 560 -12.55 25.55 -4.08
CA GLU A 560 -12.19 26.14 -5.41
C GLU A 560 -10.94 26.99 -5.22
N PRO A 561 -9.89 26.74 -6.04
CA PRO A 561 -8.62 27.48 -5.80
C PRO A 561 -8.75 28.99 -5.99
N ARG A 562 -7.85 29.73 -5.34
CA ARG A 562 -7.84 31.20 -5.50
CA ARG A 562 -7.85 31.19 -5.53
C ARG A 562 -7.66 31.57 -6.96
N PHE A 563 -6.76 30.89 -7.67
CA PHE A 563 -6.38 31.32 -9.01
C PHE A 563 -6.45 30.26 -10.07
N SER A 564 -6.00 29.05 -9.78
CA SER A 564 -6.04 28.03 -10.81
C SER A 564 -7.47 27.82 -11.35
N LYS A 565 -7.57 27.63 -12.64
CA LYS A 565 -8.85 27.36 -13.35
C LYS A 565 -9.02 25.89 -13.68
N THR A 566 -8.00 25.06 -13.34
CA THR A 566 -8.14 23.66 -13.71
C THR A 566 -8.05 22.67 -12.52
N GLU A 567 -8.04 23.18 -11.29
CA GLU A 567 -7.82 22.33 -10.17
C GLU A 567 -8.93 22.55 -9.13
N PHE A 568 -9.06 21.59 -8.21
CA PHE A 568 -9.99 21.70 -7.06
C PHE A 568 -9.43 20.88 -5.91
N GLY A 569 -9.84 21.23 -4.70
CA GLY A 569 -9.21 20.66 -3.51
C GLY A 569 -10.27 19.84 -2.79
N VAL A 570 -9.83 18.68 -2.27
CA VAL A 570 -10.66 17.85 -1.37
C VAL A 570 -9.96 17.69 -0.07
N THR A 571 -10.69 17.90 1.01
CA THR A 571 -10.10 17.66 2.33
C THR A 571 -10.27 16.17 2.66
N HIS A 572 -9.19 15.45 2.50
CA HIS A 572 -9.08 14.01 2.80
C HIS A 572 -8.65 13.81 4.28
N TYR A 573 -8.78 12.57 4.77
CA TYR A 573 -8.30 12.18 6.06
C TYR A 573 -6.86 12.63 6.26
N ALA A 574 -6.06 12.53 5.25
CA ALA A 574 -4.60 12.77 5.32
C ALA A 574 -4.29 14.22 5.02
N GLY A 575 -5.33 15.10 4.95
CA GLY A 575 -5.18 16.54 4.61
C GLY A 575 -5.75 16.92 3.23
N GLN A 576 -5.62 18.19 2.83
CA GLN A 576 -6.15 18.57 1.53
C GLN A 576 -5.33 18.04 0.39
N VAL A 577 -6.00 17.56 -0.62
CA VAL A 577 -5.38 17.18 -1.87
C VAL A 577 -5.90 18.07 -3.01
N MET A 578 -4.99 18.70 -3.76
CA MET A 578 -5.39 19.39 -4.97
C MET A 578 -5.35 18.48 -6.16
N TYR A 579 -6.46 18.47 -6.93
CA TYR A 579 -6.54 17.66 -8.11
C TYR A 579 -6.64 18.51 -9.32
N GLU A 580 -6.01 18.10 -10.41
CA GLU A 580 -6.17 18.84 -11.68
C GLU A 580 -7.10 18.02 -12.56
N ILE A 581 -7.96 18.63 -13.37
CA ILE A 581 -8.94 17.79 -14.09
C ILE A 581 -8.59 17.51 -15.52
N GLN A 582 -7.37 17.88 -15.97
CA GLN A 582 -7.02 17.65 -17.39
C GLN A 582 -7.23 16.20 -17.82
N ASP A 583 -7.95 16.04 -18.93
CA ASP A 583 -8.31 14.76 -19.53
C ASP A 583 -9.22 13.76 -18.74
N TRP A 584 -9.86 14.18 -17.65
CA TRP A 584 -10.65 13.22 -16.89
C TRP A 584 -11.76 12.68 -17.75
N LEU A 585 -12.35 13.50 -18.60
CA LEU A 585 -13.45 13.02 -19.47
C LEU A 585 -12.98 11.87 -20.34
N GLU A 586 -11.78 12.00 -20.91
CA GLU A 586 -11.20 10.90 -21.68
C GLU A 586 -10.88 9.68 -20.83
N LYS A 587 -10.24 9.91 -19.68
CA LYS A 587 -9.96 8.82 -18.73
C LYS A 587 -11.21 8.05 -18.26
N ASN A 588 -12.30 8.74 -18.08
CA ASN A 588 -13.53 8.10 -17.63
C ASN A 588 -14.18 7.21 -18.69
N LYS A 589 -13.96 7.55 -19.96
CA LYS A 589 -14.58 6.77 -21.07
C LYS A 589 -13.59 5.74 -21.61
N ASP A 590 -12.30 6.03 -21.48
CA ASP A 590 -11.25 5.22 -22.03
C ASP A 590 -11.51 4.78 -23.51
N PRO A 591 -11.68 5.75 -24.42
CA PRO A 591 -12.28 5.38 -25.73
C PRO A 591 -11.33 4.62 -26.66
N LEU A 592 -11.89 3.73 -27.48
CA LEU A 592 -11.13 3.12 -28.52
C LEU A 592 -12.08 3.03 -29.73
N GLN A 593 -11.61 3.50 -30.87
CA GLN A 593 -12.41 3.47 -32.10
C GLN A 593 -12.95 2.05 -32.39
N GLN A 594 -14.21 1.99 -32.77
CA GLN A 594 -14.87 0.71 -32.99
C GLN A 594 -14.23 -0.07 -34.15
N ASP A 595 -13.67 0.66 -35.12
CA ASP A 595 -13.03 0.00 -36.28
C ASP A 595 -11.74 -0.65 -35.84
N LEU A 596 -11.15 -0.13 -34.76
CA LEU A 596 -9.98 -0.82 -34.21
C LEU A 596 -10.48 -2.10 -33.49
N GLU A 597 -11.57 -2.03 -32.70
CA GLU A 597 -12.11 -3.30 -32.12
C GLU A 597 -12.37 -4.32 -33.23
N LEU A 598 -12.95 -3.82 -34.33
CA LEU A 598 -13.33 -4.69 -35.45
C LEU A 598 -12.14 -5.30 -36.14
N CYS A 599 -11.08 -4.50 -36.29
CA CYS A 599 -9.82 -5.04 -36.82
C CYS A 599 -9.27 -6.23 -36.04
N PHE A 600 -9.19 -6.05 -34.71
CA PHE A 600 -8.55 -7.03 -33.90
C PHE A 600 -9.50 -8.16 -33.51
N LYS A 601 -10.81 -7.94 -33.57
CA LYS A 601 -11.76 -9.02 -33.38
C LYS A 601 -11.52 -10.17 -34.39
N ASP A 602 -10.88 -9.84 -35.50
CA ASP A 602 -10.73 -10.81 -36.57
CA ASP A 602 -10.71 -10.74 -36.62
C ASP A 602 -9.30 -11.30 -36.61
N SER A 603 -8.56 -11.05 -35.50
CA SER A 603 -7.22 -11.59 -35.40
C SER A 603 -7.11 -13.14 -35.53
N SER A 604 -6.03 -13.64 -36.12
CA SER A 604 -5.82 -15.07 -36.19
C SER A 604 -5.15 -15.63 -34.94
N ASP A 605 -4.84 -14.77 -33.96
CA ASP A 605 -4.09 -15.24 -32.78
C ASP A 605 -5.10 -15.64 -31.73
N ASN A 606 -4.89 -16.82 -31.12
CA ASN A 606 -5.83 -17.32 -30.13
C ASN A 606 -5.83 -16.57 -28.80
N VAL A 607 -4.76 -15.82 -28.50
CA VAL A 607 -4.87 -14.94 -27.32
C VAL A 607 -5.52 -13.61 -27.72
N VAL A 608 -4.99 -12.96 -28.76
CA VAL A 608 -5.56 -11.66 -29.16
C VAL A 608 -7.08 -11.69 -29.38
N THR A 609 -7.60 -12.71 -30.06
CA THR A 609 -9.08 -12.80 -30.21
C THR A 609 -9.85 -12.77 -28.92
N LYS A 610 -9.26 -13.33 -27.88
CA LYS A 610 -9.95 -13.26 -26.60
C LYS A 610 -9.99 -11.81 -26.07
N LEU A 611 -8.92 -11.06 -26.29
CA LEU A 611 -8.84 -9.68 -25.75
C LEU A 611 -9.93 -8.81 -26.33
N PHE A 612 -10.43 -9.22 -27.52
CA PHE A 612 -11.44 -8.44 -28.21
C PHE A 612 -12.84 -9.08 -28.30
N ASN A 613 -12.92 -10.41 -28.21
CA ASN A 613 -14.22 -11.13 -28.36
C ASN A 613 -14.79 -11.59 -27.07
N ASP A 614 -13.97 -11.71 -26.01
CA ASP A 614 -14.53 -12.06 -24.68
C ASP A 614 -14.98 -10.77 -23.98
N PRO A 615 -16.29 -10.58 -23.79
CA PRO A 615 -16.72 -9.27 -23.25
C PRO A 615 -16.28 -9.05 -21.81
N ASN A 616 -15.98 -10.11 -21.09
CA ASN A 616 -15.37 -10.04 -19.77
C ASN A 616 -13.97 -9.30 -19.73
N ILE A 617 -13.30 -9.32 -20.88
CA ILE A 617 -12.02 -8.68 -21.03
C ILE A 617 -12.17 -7.41 -21.87
N ALA A 618 -12.97 -7.48 -22.94
CA ALA A 618 -13.05 -6.37 -23.87
C ALA A 618 -13.83 -5.14 -23.35
N SER A 619 -14.70 -5.32 -22.38
CA SER A 619 -15.57 -4.21 -22.01
C SER A 619 -15.71 -4.24 -20.53
N ARG A 620 -16.04 -3.08 -20.00
CA ARG A 620 -16.33 -2.90 -18.63
C ARG A 620 -17.75 -3.39 -18.68
N LYS A 622 -18.37 -3.63 -17.55
CA LYS A 622 -19.63 -4.34 -17.80
C LYS A 622 -20.77 -3.42 -18.19
N LYS A 623 -21.86 -4.01 -18.65
CA LYS A 623 -23.11 -3.30 -18.88
C LYS A 623 -23.88 -3.32 -17.55
N PHE A 627 -21.49 -0.95 -20.58
CA PHE A 627 -21.93 0.44 -20.67
C PHE A 627 -21.25 1.38 -19.61
N ILE A 628 -20.86 0.87 -18.45
CA ILE A 628 -20.40 1.73 -17.35
C ILE A 628 -19.07 2.44 -17.56
N THR A 629 -18.91 3.57 -16.89
CA THR A 629 -17.68 4.35 -17.02
C THR A 629 -16.55 3.76 -16.16
N VAL A 630 -15.38 4.35 -16.27
CA VAL A 630 -14.25 3.86 -15.49
C VAL A 630 -14.51 4.20 -14.01
N ALA A 631 -15.02 5.41 -13.73
CA ALA A 631 -15.36 5.77 -12.33
C ALA A 631 -16.42 4.87 -11.75
N ALA A 632 -17.49 4.59 -12.49
CA ALA A 632 -18.54 3.66 -11.99
C ALA A 632 -17.99 2.26 -11.72
N GLN A 633 -17.13 1.75 -12.57
CA GLN A 633 -16.51 0.46 -12.35
C GLN A 633 -15.60 0.52 -11.09
N TYR A 634 -14.87 1.61 -10.92
CA TYR A 634 -13.96 1.73 -9.75
C TYR A 634 -14.83 1.74 -8.48
N LYS A 635 -15.93 2.51 -8.51
CA LYS A 635 -16.80 2.53 -7.35
C LYS A 635 -17.36 1.12 -7.05
N GLU A 636 -17.79 0.41 -8.09
CA GLU A 636 -18.35 -0.90 -7.81
C GLU A 636 -17.31 -1.93 -7.33
N GLN A 637 -16.11 -1.93 -7.91
CA GLN A 637 -15.04 -2.82 -7.45
C GLN A 637 -14.58 -2.51 -6.03
N LEU A 638 -14.55 -1.23 -5.66
CA LEU A 638 -14.30 -0.85 -4.29
C LEU A 638 -15.42 -1.32 -3.38
N ALA A 639 -16.68 -1.11 -3.76
CA ALA A 639 -17.76 -1.60 -2.89
C ALA A 639 -17.70 -3.19 -2.75
N SER A 640 -17.35 -3.94 -3.78
CA SER A 640 -17.26 -5.41 -3.61
C SER A 640 -16.10 -5.74 -2.67
N LEU A 641 -14.98 -5.02 -2.84
CA LEU A 641 -13.83 -5.23 -1.94
C LEU A 641 -14.22 -4.96 -0.49
N MET A 642 -14.81 -3.80 -0.21
CA MET A 642 -15.24 -3.50 1.12
C MET A 642 -16.23 -4.56 1.64
N ALA A 643 -17.16 -4.98 0.81
CA ALA A 643 -18.10 -6.03 1.22
C ALA A 643 -17.36 -7.30 1.71
N THR A 644 -16.41 -7.77 0.92
CA THR A 644 -15.58 -8.89 1.33
C THR A 644 -14.82 -8.59 2.65
N LEU A 645 -14.12 -7.46 2.74
CA LEU A 645 -13.34 -7.16 3.98
C LEU A 645 -14.23 -7.14 5.21
N GLU A 646 -15.48 -6.65 5.08
CA GLU A 646 -16.38 -6.60 6.22
C GLU A 646 -16.82 -7.95 6.72
N THR A 647 -16.68 -8.97 5.92
CA THR A 647 -16.90 -10.36 6.41
C THR A 647 -15.66 -10.96 7.08
N THR A 648 -14.54 -10.23 7.14
CA THR A 648 -13.31 -10.84 7.64
C THR A 648 -12.92 -10.21 8.94
N ASN A 649 -12.04 -10.89 9.62
CA ASN A 649 -11.36 -10.30 10.78
C ASN A 649 -10.08 -9.69 10.13
N PRO A 650 -9.96 -8.35 10.13
CA PRO A 650 -8.82 -7.72 9.49
C PRO A 650 -7.56 -7.54 10.39
N HIS A 651 -6.42 -7.42 9.73
CA HIS A 651 -5.12 -7.13 10.34
C HIS A 651 -4.47 -6.04 9.47
N PHE A 652 -3.90 -5.05 10.11
CA PHE A 652 -3.43 -3.89 9.36
C PHE A 652 -1.89 -3.70 9.46
N VAL A 653 -1.24 -3.68 8.32
CA VAL A 653 0.21 -3.48 8.28
C VAL A 653 0.42 -2.05 7.57
N ARG A 654 1.11 -1.17 8.25
CA ARG A 654 1.45 0.16 7.69
C ARG A 654 2.97 0.10 7.36
N CYS A 655 3.27 0.02 6.08
CA CYS A 655 4.70 0.11 5.57
C CYS A 655 5.06 1.56 5.44
N ILE A 656 6.31 1.86 5.82
CA ILE A 656 6.77 3.24 5.87
C ILE A 656 8.15 3.29 5.20
N ILE A 657 8.39 4.35 4.45
CA ILE A 657 9.70 4.61 3.86
C ILE A 657 10.49 5.53 4.83
N PRO A 658 11.75 5.24 5.04
CA PRO A 658 12.48 6.06 6.06
C PRO A 658 12.96 7.42 5.50
N ASN A 659 13.08 7.51 4.18
CA ASN A 659 13.58 8.75 3.55
C ASN A 659 13.20 8.58 2.05
N ASN A 660 13.45 9.63 1.27
CA ASN A 660 13.07 9.60 -0.16
C ASN A 660 14.23 9.27 -1.06
N LYS A 661 15.29 8.71 -0.50
CA LYS A 661 16.50 8.55 -1.25
C LYS A 661 16.88 7.10 -1.41
N GLN A 662 16.02 6.16 -0.98
CA GLN A 662 16.34 4.75 -1.07
C GLN A 662 17.66 4.44 -0.36
N LEU A 663 17.92 5.10 0.76
CA LEU A 663 19.15 4.81 1.53
C LEU A 663 18.88 4.11 2.85
N PRO A 664 19.76 3.16 3.24
CA PRO A 664 19.69 2.55 4.58
C PRO A 664 20.27 3.52 5.62
N ALA A 665 20.00 3.22 6.87
CA ALA A 665 20.54 3.96 8.05
C ALA A 665 20.23 5.42 8.08
N LYS A 666 19.09 5.80 7.47
CA LYS A 666 18.77 7.28 7.41
C LYS A 666 17.29 7.58 7.67
N LEU A 667 16.88 7.39 8.91
CA LEU A 667 15.48 7.52 9.23
C LEU A 667 15.18 8.98 9.45
N GLU A 668 14.42 9.61 8.54
CA GLU A 668 14.25 11.08 8.58
C GLU A 668 12.96 11.48 9.23
N ASP A 669 13.04 12.27 10.33
CA ASP A 669 11.87 12.53 11.14
C ASP A 669 10.69 13.11 10.32
N LYS A 670 10.94 14.11 9.50
CA LYS A 670 9.85 14.81 8.79
C LYS A 670 9.19 13.83 7.79
N VAL A 671 10.01 13.02 7.10
CA VAL A 671 9.45 12.02 6.13
C VAL A 671 8.59 10.97 6.85
N VAL A 672 9.14 10.45 7.97
CA VAL A 672 8.47 9.43 8.74
C VAL A 672 7.19 9.97 9.40
N LEU A 673 7.26 11.07 10.12
CA LEU A 673 6.11 11.57 10.84
C LEU A 673 4.96 11.93 9.93
N ASP A 674 5.28 12.43 8.75
CA ASP A 674 4.24 12.80 7.77
CA ASP A 674 4.25 12.82 7.77
C ASP A 674 3.42 11.56 7.38
N GLN A 675 4.11 10.42 7.21
CA GLN A 675 3.43 9.15 6.91
C GLN A 675 2.58 8.63 8.07
N LEU A 676 3.07 8.77 9.30
CA LEU A 676 2.34 8.39 10.47
C LEU A 676 1.11 9.26 10.69
N ARG A 677 1.18 10.52 10.31
CA ARG A 677 0.00 11.35 10.36
C ARG A 677 -0.99 10.88 9.27
N CYS A 678 -0.48 10.63 8.04
CA CYS A 678 -1.38 10.24 6.92
C CYS A 678 -2.04 8.89 7.07
N ASN A 679 -1.37 7.91 7.73
CA ASN A 679 -1.78 6.53 7.64
C ASN A 679 -2.54 6.06 8.85
N GLY A 680 -2.88 6.97 9.77
CA GLY A 680 -3.74 6.59 10.88
C GLY A 680 -3.04 6.21 12.20
N VAL A 681 -1.72 5.99 12.15
CA VAL A 681 -0.97 5.59 13.32
C VAL A 681 -1.01 6.66 14.42
N LEU A 682 -0.70 7.93 14.10
CA LEU A 682 -0.69 9.00 15.14
C LEU A 682 -2.08 9.30 15.65
N GLU A 683 -3.08 9.24 14.77
CA GLU A 683 -4.47 9.46 15.23
CA GLU A 683 -4.49 9.44 15.24
C GLU A 683 -4.89 8.35 16.19
N GLY A 684 -4.58 7.13 15.83
CA GLY A 684 -4.88 5.93 16.68
C GLY A 684 -4.29 6.09 18.07
N ILE A 685 -3.05 6.50 18.10
CA ILE A 685 -2.40 6.82 19.42
C ILE A 685 -3.05 8.01 20.15
N ARG A 686 -3.34 9.11 19.45
CA ARG A 686 -4.01 10.26 20.10
C ARG A 686 -5.35 9.82 20.77
N ILE A 687 -6.16 9.03 20.08
CA ILE A 687 -7.41 8.47 20.67
C ILE A 687 -7.13 7.54 21.84
N THR A 688 -6.22 6.59 21.65
CA THR A 688 -5.69 5.68 22.70
C THR A 688 -5.26 6.41 23.97
N ARG A 689 -4.40 7.40 23.78
CA ARG A 689 -3.74 7.99 24.92
C ARG A 689 -4.70 8.73 25.86
N LYS A 690 -5.91 9.02 25.36
CA LYS A 690 -6.91 9.71 26.15
C LYS A 690 -7.59 8.85 27.22
N GLY A 691 -7.63 7.54 27.03
CA GLY A 691 -8.29 6.64 28.00
C GLY A 691 -7.29 6.00 28.96
N PHE A 692 -7.10 4.69 28.84
CA PHE A 692 -6.08 3.98 29.63
C PHE A 692 -5.19 3.17 28.67
N PRO A 693 -4.17 3.79 28.14
CA PRO A 693 -3.42 3.17 27.06
C PRO A 693 -2.56 2.04 27.55
N ASN A 694 -2.06 2.06 28.82
CA ASN A 694 -1.19 0.96 29.30
C ASN A 694 -1.97 -0.05 30.14
N ARG A 695 -1.95 -1.31 29.74
CA ARG A 695 -2.77 -2.33 30.36
C ARG A 695 -1.84 -3.47 30.58
N ILE A 696 -1.54 -3.73 31.86
CA ILE A 696 -0.49 -4.66 32.22
C ILE A 696 -0.98 -5.84 33.09
N ILE A 697 -0.67 -7.07 32.66
CA ILE A 697 -0.95 -8.29 33.46
C ILE A 697 -0.39 -8.13 34.88
N TYR A 698 -1.25 -8.26 35.88
CA TYR A 698 -0.85 -7.88 37.28
C TYR A 698 0.49 -8.47 37.71
N ALA A 699 0.76 -9.72 37.35
CA ALA A 699 1.95 -10.41 37.83
C ALA A 699 3.17 -9.82 37.21
N ASP A 700 3.07 -9.40 35.94
CA ASP A 700 4.13 -8.63 35.26
C ASP A 700 4.45 -7.28 35.99
N PHE A 701 3.39 -6.55 36.31
CA PHE A 701 3.57 -5.29 37.05
C PHE A 701 4.32 -5.58 38.36
N VAL A 702 3.80 -6.55 39.16
CA VAL A 702 4.40 -6.91 40.46
C VAL A 702 5.86 -7.33 40.28
N LYS A 703 6.12 -8.11 39.24
CA LYS A 703 7.45 -8.66 39.07
C LYS A 703 8.49 -7.54 38.91
N ARG A 704 8.13 -6.45 38.21
CA ARG A 704 9.06 -5.34 38.14
C ARG A 704 9.05 -4.40 39.38
N TYR A 705 7.88 -4.11 39.92
CA TYR A 705 7.77 -2.99 40.83
C TYR A 705 7.65 -3.34 42.31
N TYR A 706 7.75 -4.63 42.64
CA TYR A 706 7.52 -5.09 44.02
C TYR A 706 8.39 -4.34 45.02
N LEU A 707 9.64 -4.03 44.64
CA LEU A 707 10.55 -3.36 45.59
C LEU A 707 10.23 -1.92 45.82
N LEU A 708 9.18 -1.43 45.19
CA LEU A 708 8.77 -0.01 45.42
C LEU A 708 7.92 0.13 46.70
N ALA A 709 7.44 -1.03 47.20
CA ALA A 709 6.66 -1.06 48.42
C ALA A 709 7.21 -2.07 49.45
N PRO A 710 6.89 -1.87 50.74
CA PRO A 710 7.33 -2.91 51.70
C PRO A 710 6.49 -4.19 51.66
N ASN A 711 7.15 -5.34 51.77
CA ASN A 711 6.46 -6.64 52.02
C ASN A 711 5.58 -7.18 50.89
N VAL A 712 6.03 -6.99 49.65
CA VAL A 712 5.51 -7.75 48.50
C VAL A 712 6.82 -8.24 47.88
N PRO A 713 7.13 -9.55 47.88
CA PRO A 713 6.77 -10.75 47.21
C PRO A 713 6.68 -10.44 45.70
N ARG A 714 7.85 -10.53 45.07
CA ARG A 714 8.01 -10.42 43.62
C ARG A 714 7.08 -11.42 42.91
N ASP A 715 6.83 -12.56 43.53
CA ASP A 715 5.87 -13.54 42.98
C ASP A 715 4.67 -13.75 43.90
N ALA A 716 4.16 -12.67 44.52
CA ALA A 716 3.01 -12.79 45.41
C ALA A 716 1.91 -13.46 44.63
N GLU A 717 1.26 -14.44 45.24
CA GLU A 717 0.28 -15.20 44.50
C GLU A 717 -0.94 -14.34 44.20
N ASP A 718 -1.27 -13.40 45.09
CA ASP A 718 -2.42 -12.54 44.83
C ASP A 718 -1.92 -11.26 44.13
N SER A 719 -1.88 -11.34 42.82
CA SER A 719 -1.25 -10.31 41.98
C SER A 719 -1.93 -8.92 42.04
N GLN A 720 -3.26 -8.91 41.98
CA GLN A 720 -4.06 -7.71 42.12
C GLN A 720 -3.84 -7.00 43.45
N LYS A 721 -3.78 -7.78 44.53
CA LYS A 721 -3.60 -7.22 45.88
C LYS A 721 -2.21 -6.64 46.03
N ALA A 722 -1.24 -7.38 45.56
CA ALA A 722 0.10 -6.87 45.60
C ALA A 722 0.25 -5.59 44.71
N THR A 723 -0.38 -5.60 43.53
CA THR A 723 -0.42 -4.39 42.71
C THR A 723 -1.04 -3.21 43.52
N ASP A 724 -2.18 -3.48 44.15
CA ASP A 724 -2.83 -2.46 44.98
C ASP A 724 -1.92 -2.02 46.15
N ALA A 725 -1.20 -2.95 46.77
CA ALA A 725 -0.26 -2.57 47.80
C ALA A 725 0.74 -1.58 47.25
N VAL A 726 1.28 -1.79 46.05
CA VAL A 726 2.29 -0.79 45.65
C VAL A 726 1.75 0.53 45.30
N LEU A 727 0.57 0.53 44.69
CA LEU A 727 -0.11 1.76 44.29
C LEU A 727 -0.46 2.60 45.53
N LYS A 728 -0.99 1.94 46.54
CA LYS A 728 -1.30 2.61 47.86
C LYS A 728 -0.06 3.13 48.54
N HIS A 729 0.99 2.34 48.56
CA HIS A 729 2.22 2.80 49.18
C HIS A 729 2.79 4.06 48.50
N LEU A 730 2.74 4.11 47.15
CA LEU A 730 3.19 5.30 46.41
C LEU A 730 2.14 6.45 46.47
N ASN A 731 0.98 6.19 47.03
CA ASN A 731 -0.10 7.18 47.10
C ASN A 731 -0.52 7.71 45.72
N ILE A 732 -0.55 6.84 44.70
CA ILE A 732 -0.97 7.27 43.39
C ILE A 732 -2.43 7.63 43.42
N ASP A 733 -2.77 8.71 42.70
CA ASP A 733 -4.15 9.15 42.53
C ASP A 733 -4.99 8.05 41.87
N PRO A 734 -5.96 7.46 42.57
CA PRO A 734 -6.80 6.41 42.01
C PRO A 734 -7.53 6.77 40.70
N GLU A 735 -7.61 8.05 40.32
CA GLU A 735 -8.26 8.40 39.06
C GLU A 735 -7.35 8.00 37.87
N GLN A 736 -6.09 7.78 38.15
CA GLN A 736 -5.12 7.50 37.10
C GLN A 736 -5.00 5.99 36.72
N TYR A 737 -5.83 5.15 37.33
CA TYR A 737 -5.84 3.69 37.06
C TYR A 737 -7.18 3.05 37.31
N ARG A 738 -7.34 1.83 36.74
CA ARG A 738 -8.53 1.02 36.99
C ARG A 738 -8.09 -0.42 37.08
N PHE A 739 -8.66 -1.12 38.04
CA PHE A 739 -8.31 -2.53 38.24
C PHE A 739 -9.17 -3.34 37.31
N GLY A 740 -8.55 -4.10 36.40
CA GLY A 740 -9.36 -4.87 35.46
C GLY A 740 -9.35 -6.29 35.99
N ILE A 741 -10.12 -7.18 35.37
CA ILE A 741 -10.14 -8.58 35.77
C ILE A 741 -8.75 -9.24 35.71
N THR A 742 -7.95 -8.87 34.74
CA THR A 742 -6.66 -9.51 34.52
C THR A 742 -5.46 -8.54 34.43
N LYS A 743 -5.74 -7.25 34.21
CA LYS A 743 -4.65 -6.20 34.01
C LYS A 743 -4.96 -4.93 34.82
N ILE A 744 -3.93 -4.19 35.28
CA ILE A 744 -4.17 -2.80 35.71
C ILE A 744 -4.13 -1.97 34.43
N PHE A 745 -5.06 -1.04 34.35
CA PHE A 745 -5.09 -0.08 33.28
C PHE A 745 -4.60 1.22 33.85
N PHE A 746 -3.70 1.89 33.11
CA PHE A 746 -3.12 3.20 33.53
C PHE A 746 -3.44 4.25 32.47
N ARG A 747 -3.88 5.43 32.92
CA ARG A 747 -3.83 6.66 32.15
C ARG A 747 -2.41 6.98 31.67
N ALA A 748 -2.33 7.81 30.63
CA ALA A 748 -1.06 8.31 30.09
C ALA A 748 -0.25 8.98 31.17
N GLY A 749 1.07 8.76 31.14
CA GLY A 749 1.96 9.33 32.12
C GLY A 749 2.12 8.60 33.41
N GLN A 750 1.06 7.97 33.88
CA GLN A 750 1.12 7.34 35.22
C GLN A 750 2.22 6.29 35.32
N LEU A 751 2.35 5.42 34.32
CA LEU A 751 3.31 4.35 34.46
C LEU A 751 4.74 4.94 34.39
N ALA A 752 4.98 5.97 33.57
CA ALA A 752 6.28 6.63 33.56
C ALA A 752 6.62 7.16 34.97
N ARG A 753 5.65 7.74 35.66
CA ARG A 753 5.95 8.20 37.01
C ARG A 753 6.24 7.06 38.00
N ILE A 754 5.55 5.92 37.86
CA ILE A 754 5.88 4.75 38.69
C ILE A 754 7.30 4.26 38.39
N GLU A 755 7.63 4.14 37.09
CA GLU A 755 8.97 3.72 36.68
C GLU A 755 10.04 4.60 37.36
N GLU A 756 9.75 5.90 37.53
CA GLU A 756 10.67 6.89 38.15
C GLU A 756 10.63 6.92 39.69
N ALA A 757 9.82 6.08 40.32
CA ALA A 757 9.74 6.08 41.78
C ALA A 757 10.97 5.45 42.43
N ARG A 758 11.15 5.69 43.73
CA ARG A 758 12.37 5.28 44.47
C ARG A 758 12.30 3.86 45.00
N GLU A 759 13.29 3.05 44.68
CA GLU A 759 13.43 1.70 45.28
C GLU A 759 13.94 1.74 46.73
MG MG B . 4.72 -2.86 -4.59
P1 POP C . 6.28 -1.18 -2.22
O1 POP C . 5.59 -2.40 -2.73
O2 POP C . 5.71 -0.63 -0.99
O3 POP C . 7.75 -1.51 -2.00
O POP C . 6.26 -0.03 -3.34
P2 POP C . 5.30 0.31 -4.61
O4 POP C . 4.98 -0.95 -5.30
O5 POP C . 6.11 1.26 -5.52
O6 POP C . 4.00 0.94 -4.03
#